data_2Q2U
#
_entry.id   2Q2U
#
_cell.length_a   66.475
_cell.length_b   92.895
_cell.length_c   89.633
_cell.angle_alpha   70.320
_cell.angle_beta   78.450
_cell.angle_gamma   89.870
#
_symmetry.space_group_name_H-M   'P 1'
#
loop_
_entity.id
_entity.type
_entity.pdbx_description
1 polymer "5'-D(*TP*TP*CP*CP*GP*AP*TP*AP*GP*TP*GP*GP*GP*GP*TP*CP*GP*CP*AP*AP*T)-3'"
2 polymer "5'-D(*AP*TP*TP*GP*CP*GP*AP*CP*(OMC)P*CP*CP*AP*CP*TP*AP*TP*CP*GP*GP*AP*A)-3'"
3 polymer 'Chlorella virus DNA ligase'
4 water water
#
loop_
_entity_poly.entity_id
_entity_poly.type
_entity_poly.pdbx_seq_one_letter_code
_entity_poly.pdbx_strand_id
1 'polydeoxyribonucleotide'
;(DT)(DT)(DC)(DC)(DG)(DA)(DT)(DA)(DG)(DT)(DG)(DG)(DG)(DG)(DT)(DC)(DG)(DC)(DA)(DA)
(DT)
;
E,G,I,K
2 'polydeoxyribonucleotide/polyribonucleotide hybrid'
;(DA)(DT)(DT)(DG)(DC)(DG)(DA)(DC)(OMC)(DC)(DC)(DA)(DC)(DT)(DA)(DT)(DC)(DG)(DG)
(DA)(DA)
;
F,H,J,L
3 'polypeptide(L)'
;MGHHHHHHHHHHSSGHIEGRHMAITKPLLAATLENIEDVQFPCLATPKIDGIRSVKQTQMLSRTFKPIRNSVMNRLLTEL
LPEGSDGEISIEGATFQDTTSAVMTGHKMYNAKFSYYWFDYVTDDPLKKYIDRVEDMKNYITVHPHILEHAQVKIIPLIP
VEINNITELLQYERDVLSKGFEGVMIRKPDGKYKFGRSTLKEGILLKMKQFKDAEATIISMTALFKNTNTKTKDNFGYSK
RSTHKSGKVEEDVMGSIEVDYDGVVFSIGTGFDADQRRDFWQNKESYIGKMVKFKYFEMGSKDCPRFPVFIGIRHEEDR
;
A,B,C,D
#
loop_
_chem_comp.id
_chem_comp.type
_chem_comp.name
_chem_comp.formula
DA DNA linking 2'-DEOXYADENOSINE-5'-MONOPHOSPHATE 'C10 H14 N5 O6 P'
DC DNA linking 2'-DEOXYCYTIDINE-5'-MONOPHOSPHATE 'C9 H14 N3 O7 P'
DG DNA linking 2'-DEOXYGUANOSINE-5'-MONOPHOSPHATE 'C10 H14 N5 O7 P'
DT DNA linking THYMIDINE-5'-MONOPHOSPHATE 'C10 H15 N2 O8 P'
OMC RNA linking O2'-METHYLYCYTIDINE-5'-MONOPHOSPHATE 'C10 H16 N3 O8 P'
#
# COMPACT_ATOMS: atom_id res chain seq x y z
N1 OMC B 9 -24.11 42.53 35.59
C2 OMC B 9 -22.72 42.69 35.52
N3 OMC B 9 -22.05 42.18 34.46
C4 OMC B 9 -22.72 41.53 33.51
C5 OMC B 9 -24.15 41.39 33.54
C6 OMC B 9 -24.80 41.90 34.60
O2 OMC B 9 -22.12 43.30 36.43
N4 OMC B 9 -22.00 40.98 32.52
C1' OMC B 9 -24.82 43.10 36.81
C2' OMC B 9 -24.76 44.62 36.68
O2' OMC B 9 -24.72 45.19 37.97
CM2 OMC B 9 -23.39 45.14 38.52
C3' OMC B 9 -26.06 44.92 35.96
C4' OMC B 9 -27.00 43.96 36.64
O4' OMC B 9 -26.20 42.77 36.81
O3' OMC B 9 -26.51 46.25 36.20
C5' OMC B 9 -28.31 43.58 36.00
O5' OMC B 9 -28.09 42.97 34.75
P OMC B 9 -29.18 42.02 34.11
OP1 OMC B 9 -30.52 42.39 34.66
OP2 OMC B 9 -28.96 41.98 32.63
N1 OMC D 9 31.59 5.40 -24.01
C2 OMC D 9 30.19 5.34 -24.02
N3 OMC D 9 29.48 6.37 -23.55
C4 OMC D 9 30.11 7.46 -23.08
C5 OMC D 9 31.53 7.57 -23.10
C6 OMC D 9 32.23 6.53 -23.58
O2 OMC D 9 29.65 4.31 -24.47
N4 OMC D 9 29.36 8.43 -22.56
C1' OMC D 9 32.36 4.19 -24.50
C2' OMC D 9 32.17 4.14 -26.01
O2' OMC D 9 32.21 2.80 -26.44
CM2 OMC D 9 30.93 2.16 -26.25
C3' OMC D 9 33.36 4.95 -26.49
C4' OMC D 9 34.44 4.45 -25.56
O4' OMC D 9 33.75 4.35 -24.31
O3' OMC D 9 33.72 4.62 -27.83
C5' OMC D 9 35.71 5.22 -25.37
O5' OMC D 9 35.43 6.52 -24.89
P OMC D 9 36.54 7.35 -24.10
OP1 OMC D 9 37.88 6.89 -24.53
OP2 OMC D 9 36.19 8.80 -24.16
N1 OMC F 9 -6.23 -3.10 12.38
C2 OMC F 9 -7.58 -2.85 12.65
N3 OMC F 9 -7.94 -1.70 13.27
C4 OMC F 9 -7.01 -0.80 13.58
C5 OMC F 9 -5.62 -1.00 13.26
C6 OMC F 9 -5.29 -2.16 12.68
O2 OMC F 9 -8.42 -3.70 12.33
N4 OMC F 9 -7.42 0.32 14.21
C1' OMC F 9 -5.88 -4.42 11.75
C2' OMC F 9 -6.37 -4.35 10.30
O2' OMC F 9 -6.74 -5.63 9.87
CM2 OMC F 9 -8.06 -5.94 10.34
C3' OMC F 9 -5.14 -3.81 9.56
C4' OMC F 9 -4.04 -4.58 10.27
O4' OMC F 9 -4.47 -4.58 11.65
O3' OMC F 9 -5.12 -4.14 8.17
C5' OMC F 9 -2.62 -4.11 10.19
O5' OMC F 9 -2.50 -2.80 10.73
P OMC F 9 -1.10 -2.28 11.28
OP1 OMC F 9 -0.01 -3.00 10.54
OP2 OMC F 9 -1.14 -0.79 11.26
N1 OMC H 9 0.60 -66.13 -0.68
C2 OMC H 9 1.97 -66.30 -1.00
N3 OMC H 9 2.30 -66.97 -2.13
C4 OMC H 9 1.35 -67.47 -2.92
C5 OMC H 9 -0.06 -67.26 -2.65
C6 OMC H 9 -0.38 -66.60 -1.52
O2 OMC H 9 2.83 -65.82 -0.24
N4 OMC H 9 1.73 -68.17 -4.00
C1' OMC H 9 0.27 -65.41 0.60
C2' OMC H 9 0.63 -63.93 0.38
O2' OMC H 9 1.02 -63.36 1.60
CM2 OMC H 9 2.40 -63.69 1.86
C3' OMC H 9 -0.70 -63.36 -0.13
C4' OMC H 9 -1.67 -64.09 0.76
O4' OMC H 9 -1.14 -65.42 0.85
O3' OMC H 9 -0.80 -61.97 0.10
C5' OMC H 9 -3.13 -64.15 0.38
O5' OMC H 9 -3.28 -64.85 -0.85
P OMC H 9 -4.66 -65.55 -1.22
OP1 OMC H 9 -5.77 -64.87 -0.50
OP2 OMC H 9 -4.72 -65.70 -2.71
N MET I 22 -47.23 55.44 27.27
CA MET I 22 -46.57 56.36 28.24
C MET I 22 -45.44 55.65 29.00
N ALA I 23 -45.28 54.35 28.75
CA ALA I 23 -44.24 53.60 29.42
C ALA I 23 -42.88 53.90 28.78
N ILE I 24 -41.84 53.21 29.24
CA ILE I 24 -40.50 53.42 28.73
C ILE I 24 -40.09 52.19 27.94
N THR I 25 -39.98 52.33 26.63
CA THR I 25 -39.59 51.22 25.77
C THR I 25 -38.28 50.62 26.24
N LYS I 26 -37.27 51.47 26.38
CA LYS I 26 -35.96 51.05 26.84
C LYS I 26 -35.32 52.21 27.59
N PRO I 27 -34.57 51.91 28.65
CA PRO I 27 -33.91 52.92 29.46
C PRO I 27 -33.00 53.84 28.69
N LEU I 28 -32.83 55.05 29.24
CA LEU I 28 -31.99 56.08 28.66
C LEU I 28 -30.53 55.75 28.98
N LEU I 29 -29.66 55.86 27.98
CA LEU I 29 -28.26 55.56 28.18
C LEU I 29 -27.40 56.71 27.72
N ALA I 30 -26.42 57.08 28.53
CA ALA I 30 -25.53 58.18 28.21
C ALA I 30 -24.34 57.79 27.34
N ALA I 31 -23.78 58.80 26.70
CA ALA I 31 -22.63 58.63 25.84
C ALA I 31 -21.39 59.08 26.60
N THR I 32 -20.28 58.43 26.28
CA THR I 32 -19.03 58.72 26.93
C THR I 32 -18.41 60.01 26.43
N LEU I 33 -18.26 60.97 27.34
CA LEU I 33 -17.65 62.25 26.99
C LEU I 33 -16.14 62.08 27.01
N GLU I 34 -15.47 62.51 25.92
CA GLU I 34 -14.01 62.42 25.81
C GLU I 34 -13.35 63.80 25.81
N ASN I 35 -13.84 64.69 24.97
CA ASN I 35 -13.30 66.04 24.88
C ASN I 35 -14.20 67.02 25.60
N ILE I 36 -13.66 67.63 26.65
CA ILE I 36 -14.42 68.58 27.43
C ILE I 36 -14.98 69.72 26.57
N GLU I 37 -14.46 69.85 25.36
CA GLU I 37 -14.90 70.89 24.45
C GLU I 37 -16.24 70.57 23.79
N ASP I 38 -16.59 69.29 23.74
CA ASP I 38 -17.84 68.89 23.12
C ASP I 38 -19.05 69.22 23.97
N VAL I 39 -18.84 69.64 25.22
CA VAL I 39 -19.96 69.97 26.08
C VAL I 39 -20.62 71.28 25.67
N GLN I 40 -21.94 71.25 25.52
CA GLN I 40 -22.67 72.45 25.13
C GLN I 40 -23.23 73.12 26.39
N PHE I 41 -23.22 74.44 26.41
CA PHE I 41 -23.74 75.17 27.56
C PHE I 41 -24.87 76.10 27.16
N PRO I 42 -25.78 76.38 28.10
CA PRO I 42 -25.74 75.86 29.47
C PRO I 42 -26.23 74.41 29.54
N CYS I 43 -25.83 73.70 30.58
CA CYS I 43 -26.26 72.33 30.75
C CYS I 43 -26.46 72.02 32.21
N LEU I 44 -27.23 70.97 32.48
CA LEU I 44 -27.50 70.57 33.85
C LEU I 44 -26.69 69.31 34.13
N ALA I 45 -26.09 69.27 35.31
CA ALA I 45 -25.27 68.12 35.69
C ALA I 45 -25.64 67.57 37.05
N THR I 46 -25.30 66.31 37.23
CA THR I 46 -25.56 65.61 38.49
C THR I 46 -24.46 64.58 38.72
N PRO I 47 -24.40 64.02 39.91
CA PRO I 47 -23.38 63.03 40.19
C PRO I 47 -23.76 61.67 39.63
N LYS I 48 -22.78 60.93 39.12
CA LYS I 48 -23.03 59.61 38.59
C LYS I 48 -22.75 58.58 39.70
N ILE I 49 -23.77 57.85 40.11
CA ILE I 49 -23.59 56.84 41.16
C ILE I 49 -23.01 55.54 40.62
N ASP I 50 -22.22 54.85 41.43
CA ASP I 50 -21.60 53.60 41.00
C ASP I 50 -22.47 52.46 41.50
N GLY I 51 -23.78 52.60 41.29
CA GLY I 51 -24.70 51.57 41.71
C GLY I 51 -25.22 50.75 40.55
N ILE I 52 -26.45 50.28 40.68
CA ILE I 52 -27.10 49.48 39.64
C ILE I 52 -28.37 50.17 39.18
N ARG I 53 -28.46 50.36 37.86
CA ARG I 53 -29.60 51.01 37.21
C ARG I 53 -30.86 50.22 37.43
N SER I 54 -31.96 50.91 37.70
CA SER I 54 -33.24 50.27 37.90
C SER I 54 -34.41 51.21 37.64
N VAL I 55 -35.25 50.85 36.68
CA VAL I 55 -36.42 51.66 36.35
C VAL I 55 -37.68 51.00 36.87
N LYS I 56 -38.67 51.81 37.25
CA LYS I 56 -39.94 51.27 37.74
C LYS I 56 -41.01 51.21 36.66
N GLN I 57 -41.36 49.98 36.29
CA GLN I 57 -42.35 49.72 35.26
C GLN I 57 -43.24 48.66 35.88
N THR I 58 -44.24 49.11 36.64
CA THR I 58 -45.13 48.20 37.35
C THR I 58 -44.33 47.69 38.54
N GLN I 59 -43.19 47.07 38.24
CA GLN I 59 -42.31 46.59 39.27
C GLN I 59 -40.93 47.22 39.00
N MET I 60 -39.89 46.77 39.71
CA MET I 60 -38.56 47.32 39.48
C MET I 60 -37.80 46.47 38.49
N LEU I 61 -37.34 47.10 37.41
CA LEU I 61 -36.60 46.39 36.39
C LEU I 61 -35.16 46.85 36.33
N SER I 62 -34.31 46.01 35.75
CA SER I 62 -32.91 46.30 35.58
C SER I 62 -32.64 47.00 34.25
N ARG I 63 -31.39 47.38 34.02
CA ARG I 63 -31.00 48.07 32.79
C ARG I 63 -31.49 47.33 31.56
N THR I 64 -31.57 46.01 31.65
CA THR I 64 -32.03 45.19 30.55
C THR I 64 -33.48 44.84 30.72
N PHE I 65 -34.17 45.66 31.51
CA PHE I 65 -35.58 45.47 31.78
C PHE I 65 -35.96 44.10 32.30
N LYS I 66 -35.11 43.52 33.14
CA LYS I 66 -35.41 42.24 33.74
C LYS I 66 -35.80 42.66 35.15
N PRO I 67 -36.52 41.79 35.87
CA PRO I 67 -36.92 42.16 37.24
C PRO I 67 -35.78 42.07 38.26
N ILE I 68 -35.72 43.04 39.17
CA ILE I 68 -34.67 43.03 40.19
C ILE I 68 -34.79 41.80 41.06
N ARG I 69 -33.83 40.89 40.95
CA ARG I 69 -33.84 39.65 41.73
C ARG I 69 -34.28 39.82 43.20
N ASN I 70 -33.57 40.69 43.93
CA ASN I 70 -33.86 40.95 45.33
C ASN I 70 -35.28 41.48 45.54
N SER I 71 -36.20 40.56 45.81
CA SER I 71 -37.61 40.89 46.00
C SER I 71 -37.93 41.93 47.05
N VAL I 72 -37.19 41.90 48.16
CA VAL I 72 -37.41 42.86 49.24
C VAL I 72 -37.29 44.28 48.68
N MET I 73 -36.24 44.50 47.89
CA MET I 73 -36.00 45.82 47.29
C MET I 73 -37.11 46.11 46.31
N ASN I 74 -37.21 45.22 45.32
CA ASN I 74 -38.20 45.34 44.26
C ASN I 74 -39.54 45.73 44.83
N ARG I 75 -40.02 44.91 45.75
CA ARG I 75 -41.29 45.12 46.41
C ARG I 75 -41.30 46.49 47.09
N LEU I 76 -40.32 46.74 47.96
CA LEU I 76 -40.24 48.01 48.66
C LEU I 76 -40.26 49.23 47.76
N LEU I 77 -39.34 49.26 46.81
CA LEU I 77 -39.24 50.38 45.88
C LEU I 77 -40.54 50.58 45.13
N THR I 78 -41.22 49.48 44.81
CA THR I 78 -42.48 49.54 44.06
C THR I 78 -43.55 50.29 44.82
N GLU I 79 -43.48 50.24 46.15
CA GLU I 79 -44.45 50.91 47.00
C GLU I 79 -44.15 52.41 47.11
N LEU I 80 -42.86 52.75 47.20
CA LEU I 80 -42.46 54.14 47.33
C LEU I 80 -42.42 54.89 46.00
N LEU I 81 -41.65 54.36 45.05
CA LEU I 81 -41.47 54.98 43.75
C LEU I 81 -42.69 54.95 42.87
N PRO I 82 -43.01 56.08 42.25
CA PRO I 82 -44.18 56.16 41.37
C PRO I 82 -43.86 55.56 39.99
N GLU I 83 -44.85 54.97 39.34
CA GLU I 83 -44.67 54.37 38.02
C GLU I 83 -43.85 55.28 37.11
N GLY I 84 -42.77 54.73 36.56
CA GLY I 84 -41.93 55.50 35.65
C GLY I 84 -40.77 56.24 36.30
N SER I 85 -40.17 55.61 37.32
CA SER I 85 -39.04 56.20 38.02
C SER I 85 -37.74 55.59 37.53
N ASP I 86 -36.79 56.46 37.20
CA ASP I 86 -35.49 55.99 36.74
C ASP I 86 -34.45 56.41 37.75
N GLY I 87 -33.58 55.48 38.11
CA GLY I 87 -32.54 55.76 39.09
C GLY I 87 -31.61 54.58 39.29
N GLU I 88 -30.80 54.64 40.34
CA GLU I 88 -29.86 53.56 40.66
C GLU I 88 -29.90 53.13 42.11
N ILE I 89 -29.79 51.82 42.30
CA ILE I 89 -29.78 51.22 43.62
C ILE I 89 -28.33 51.17 44.07
N SER I 90 -28.06 51.63 45.29
CA SER I 90 -26.70 51.64 45.79
C SER I 90 -26.64 51.54 47.31
N ILE I 91 -25.75 50.68 47.80
CA ILE I 91 -25.58 50.51 49.24
C ILE I 91 -24.55 51.56 49.71
N GLU I 92 -25.00 52.54 50.49
CA GLU I 92 -24.10 53.56 50.99
C GLU I 92 -22.90 52.96 51.73
N GLY I 93 -21.72 53.55 51.51
CA GLY I 93 -20.54 53.05 52.18
C GLY I 93 -20.01 51.74 51.66
N ALA I 94 -20.88 50.79 51.36
CA ALA I 94 -20.46 49.49 50.85
C ALA I 94 -19.68 49.58 49.55
N THR I 95 -19.00 48.49 49.22
CA THR I 95 -18.22 48.44 47.99
C THR I 95 -19.18 48.11 46.85
N PHE I 96 -18.68 48.17 45.63
CA PHE I 96 -19.53 47.86 44.51
C PHE I 96 -19.91 46.38 44.55
N GLN I 97 -18.91 45.53 44.70
CA GLN I 97 -19.17 44.10 44.75
C GLN I 97 -20.22 43.79 45.82
N ASP I 98 -20.26 44.59 46.89
CA ASP I 98 -21.24 44.35 47.92
C ASP I 98 -22.63 44.69 47.41
N THR I 99 -22.77 45.89 46.85
CA THR I 99 -24.05 46.34 46.33
C THR I 99 -24.50 45.37 45.24
N THR I 100 -23.56 44.90 44.43
CA THR I 100 -23.88 43.95 43.37
C THR I 100 -24.65 42.77 43.95
N SER I 101 -24.16 42.24 45.07
CA SER I 101 -24.79 41.09 45.69
C SER I 101 -26.12 41.44 46.36
N ALA I 102 -26.21 42.61 46.96
CA ALA I 102 -27.44 42.99 47.63
C ALA I 102 -28.57 43.22 46.64
N VAL I 103 -28.29 43.08 45.35
CA VAL I 103 -29.31 43.32 44.35
C VAL I 103 -29.49 42.14 43.40
N MET I 104 -28.41 41.45 43.10
CA MET I 104 -28.48 40.33 42.19
C MET I 104 -28.88 39.02 42.84
N THR I 105 -29.07 39.03 44.15
CA THR I 105 -29.43 37.81 44.88
C THR I 105 -30.90 37.78 45.22
N GLY I 106 -31.50 36.61 45.07
CA GLY I 106 -32.91 36.46 45.36
C GLY I 106 -33.22 36.38 46.84
N HIS I 107 -32.98 37.47 47.56
CA HIS I 107 -33.24 37.51 48.99
C HIS I 107 -34.70 37.41 49.34
N LYS I 108 -34.99 36.53 50.30
CA LYS I 108 -36.34 36.33 50.77
C LYS I 108 -36.60 37.44 51.80
N MET I 109 -35.59 37.66 52.64
CA MET I 109 -35.65 38.69 53.69
C MET I 109 -34.38 39.51 53.64
N TYR I 110 -34.52 40.81 53.37
CA TYR I 110 -33.39 41.71 53.31
C TYR I 110 -33.61 42.83 54.33
N ASN I 111 -32.85 42.78 55.41
CA ASN I 111 -32.95 43.74 56.51
C ASN I 111 -32.03 44.96 56.36
N ALA I 112 -30.87 44.75 55.73
CA ALA I 112 -29.90 45.83 55.54
C ALA I 112 -30.49 47.06 54.85
N LYS I 113 -29.89 48.22 55.12
CA LYS I 113 -30.33 49.48 54.52
C LYS I 113 -29.77 49.63 53.10
N PHE I 114 -30.35 50.53 52.33
CA PHE I 114 -29.89 50.77 50.98
C PHE I 114 -30.55 52.00 50.44
N SER I 115 -29.89 52.65 49.49
CA SER I 115 -30.42 53.87 48.92
C SER I 115 -30.79 53.71 47.45
N TYR I 116 -31.58 54.65 46.96
CA TYR I 116 -32.00 54.66 45.56
C TYR I 116 -31.91 56.10 45.03
N TYR I 117 -30.97 56.35 44.12
CA TYR I 117 -30.85 57.71 43.59
C TYR I 117 -31.83 57.92 42.44
N TRP I 118 -32.87 58.69 42.71
CA TRP I 118 -33.91 58.99 41.74
C TRP I 118 -33.49 60.18 40.86
N PHE I 119 -33.15 59.90 39.62
CA PHE I 119 -32.68 60.98 38.77
C PHE I 119 -33.51 61.35 37.57
N ASP I 120 -34.55 60.57 37.26
CA ASP I 120 -35.41 60.87 36.12
C ASP I 120 -36.82 60.38 36.43
N TYR I 121 -37.80 60.94 35.72
CA TYR I 121 -39.20 60.58 35.94
C TYR I 121 -40.06 60.78 34.70
N VAL I 122 -40.59 59.68 34.17
CA VAL I 122 -41.43 59.74 33.00
C VAL I 122 -42.89 59.52 33.39
N THR I 123 -43.63 60.61 33.53
CA THR I 123 -45.03 60.53 33.91
C THR I 123 -45.89 60.13 32.72
N ASP I 124 -45.84 60.92 31.66
CA ASP I 124 -46.64 60.62 30.47
C ASP I 124 -45.87 60.71 29.16
N ASP I 125 -45.59 61.93 28.72
CA ASP I 125 -44.86 62.10 27.47
C ASP I 125 -43.35 62.08 27.67
N PRO I 126 -42.67 61.10 27.05
CA PRO I 126 -41.21 60.96 27.15
C PRO I 126 -40.49 62.02 26.35
N LEU I 127 -41.22 63.04 25.93
CA LEU I 127 -40.62 64.12 25.15
C LEU I 127 -40.57 65.40 25.96
N LYS I 128 -40.98 65.32 27.22
CA LYS I 128 -40.97 66.49 28.08
C LYS I 128 -39.53 66.83 28.49
N LYS I 129 -39.13 68.09 28.33
CA LYS I 129 -37.79 68.54 28.67
C LYS I 129 -37.32 68.05 30.04
N TYR I 130 -36.06 67.64 30.11
CA TYR I 130 -35.46 67.16 31.35
C TYR I 130 -35.84 68.05 32.54
N ILE I 131 -35.61 69.34 32.42
CA ILE I 131 -35.94 70.25 33.52
C ILE I 131 -37.35 70.02 34.02
N ASP I 132 -38.28 69.89 33.08
CA ASP I 132 -39.67 69.67 33.42
C ASP I 132 -39.88 68.30 34.07
N ARG I 133 -39.19 67.28 33.57
CA ARG I 133 -39.32 65.94 34.14
C ARG I 133 -38.82 65.99 35.58
N VAL I 134 -37.83 66.84 35.84
CA VAL I 134 -37.29 66.97 37.19
C VAL I 134 -38.36 67.64 38.01
N GLU I 135 -38.95 68.68 37.45
CA GLU I 135 -39.99 69.40 38.13
C GLU I 135 -41.06 68.42 38.56
N ASP I 136 -41.44 67.53 37.63
CA ASP I 136 -42.46 66.54 37.93
C ASP I 136 -42.00 65.68 39.09
N MET I 137 -40.71 65.43 39.17
CA MET I 137 -40.16 64.62 40.25
C MET I 137 -40.22 65.40 41.55
N LYS I 138 -39.85 66.66 41.50
CA LYS I 138 -39.87 67.51 42.68
C LYS I 138 -41.27 67.60 43.24
N ASN I 139 -42.24 67.82 42.35
CA ASN I 139 -43.63 67.95 42.75
C ASN I 139 -44.13 66.71 43.47
N TYR I 140 -43.88 65.54 42.87
CA TYR I 140 -44.32 64.30 43.47
C TYR I 140 -43.85 64.22 44.91
N ILE I 141 -42.65 64.71 45.17
CA ILE I 141 -42.08 64.69 46.51
C ILE I 141 -42.88 65.56 47.45
N THR I 142 -43.17 66.78 47.01
CA THR I 142 -43.91 67.70 47.84
C THR I 142 -45.19 67.04 48.31
N VAL I 143 -45.80 66.25 47.43
CA VAL I 143 -47.05 65.58 47.72
C VAL I 143 -46.87 64.33 48.55
N HIS I 144 -45.70 63.70 48.46
CA HIS I 144 -45.46 62.49 49.23
C HIS I 144 -44.11 62.54 49.97
N PRO I 145 -43.95 63.54 50.85
CA PRO I 145 -42.72 63.70 51.61
C PRO I 145 -42.21 62.44 52.29
N HIS I 146 -43.15 61.59 52.70
CA HIS I 146 -42.79 60.35 53.40
C HIS I 146 -41.80 59.44 52.67
N ILE I 147 -41.78 59.50 51.35
CA ILE I 147 -40.87 58.64 50.60
C ILE I 147 -39.41 58.85 50.96
N LEU I 148 -39.04 60.10 51.17
CA LEU I 148 -37.67 60.42 51.52
C LEU I 148 -37.43 60.20 53.00
N GLU I 149 -38.37 59.54 53.66
CA GLU I 149 -38.27 59.30 55.10
C GLU I 149 -38.37 57.84 55.51
N HIS I 150 -38.45 56.95 54.53
CA HIS I 150 -38.55 55.53 54.85
C HIS I 150 -37.44 55.11 55.79
N ALA I 151 -37.77 54.23 56.71
CA ALA I 151 -36.80 53.75 57.69
C ALA I 151 -35.64 52.95 57.09
N GLN I 152 -35.91 52.19 56.04
CA GLN I 152 -34.87 51.36 55.43
C GLN I 152 -34.31 51.93 54.13
N VAL I 153 -35.20 52.06 53.15
CA VAL I 153 -34.85 52.58 51.83
C VAL I 153 -34.75 54.10 51.82
N LYS I 154 -33.57 54.61 51.53
CA LYS I 154 -33.40 56.05 51.48
C LYS I 154 -33.44 56.53 50.04
N ILE I 155 -34.52 57.22 49.67
CA ILE I 155 -34.66 57.72 48.31
C ILE I 155 -33.99 59.07 48.18
N ILE I 156 -33.07 59.17 47.22
CA ILE I 156 -32.32 60.40 47.02
C ILE I 156 -32.56 61.03 45.65
N PRO I 157 -33.29 62.15 45.61
CA PRO I 157 -33.59 62.85 44.36
C PRO I 157 -32.35 63.56 43.83
N LEU I 158 -31.96 63.27 42.60
CA LEU I 158 -30.81 63.94 42.04
C LEU I 158 -31.22 65.13 41.19
N ILE I 159 -31.47 66.26 41.86
CA ILE I 159 -31.86 67.50 41.16
C ILE I 159 -30.61 68.08 40.52
N PRO I 160 -30.62 68.24 39.19
CA PRO I 160 -29.47 68.80 38.46
C PRO I 160 -29.00 70.18 38.90
N VAL I 161 -27.75 70.49 38.57
CA VAL I 161 -27.15 71.78 38.88
C VAL I 161 -26.88 72.46 37.55
N GLU I 162 -27.09 73.78 37.50
CA GLU I 162 -26.89 74.50 36.26
C GLU I 162 -25.43 74.86 36.02
N ILE I 163 -24.84 74.33 34.96
CA ILE I 163 -23.45 74.61 34.62
C ILE I 163 -23.43 75.51 33.40
N ASN I 164 -22.71 76.64 33.48
CA ASN I 164 -22.66 77.57 32.37
C ASN I 164 -21.38 77.60 31.52
N ASN I 165 -20.30 76.97 31.99
CA ASN I 165 -19.05 76.95 31.23
C ASN I 165 -18.02 75.95 31.76
N ILE I 166 -17.12 75.52 30.89
CA ILE I 166 -16.09 74.55 31.23
C ILE I 166 -15.56 74.70 32.66
N THR I 167 -15.31 75.95 33.05
CA THR I 167 -14.82 76.24 34.38
C THR I 167 -15.77 75.69 35.44
N GLU I 168 -17.01 76.15 35.41
CA GLU I 168 -17.97 75.67 36.38
C GLU I 168 -18.06 74.14 36.38
N LEU I 169 -18.09 73.55 35.19
CA LEU I 169 -18.16 72.11 35.09
C LEU I 169 -17.01 71.50 35.87
N LEU I 170 -15.79 71.82 35.47
CA LEU I 170 -14.61 71.30 36.14
C LEU I 170 -14.72 71.46 37.63
N GLN I 171 -15.31 72.57 38.06
CA GLN I 171 -15.48 72.80 39.49
C GLN I 171 -16.40 71.74 40.06
N TYR I 172 -17.53 71.52 39.38
CA TYR I 172 -18.51 70.53 39.79
C TYR I 172 -17.87 69.15 39.87
N GLU I 173 -17.06 68.79 38.87
CA GLU I 173 -16.40 67.49 38.87
C GLU I 173 -15.58 67.34 40.14
N ARG I 174 -14.80 68.37 40.49
CA ARG I 174 -14.01 68.32 41.71
C ARG I 174 -14.91 68.06 42.91
N ASP I 175 -16.07 68.72 42.94
CA ASP I 175 -16.99 68.54 44.04
C ASP I 175 -17.49 67.11 44.19
N VAL I 176 -18.25 66.64 43.20
CA VAL I 176 -18.80 65.30 43.26
C VAL I 176 -17.75 64.26 43.52
N LEU I 177 -16.58 64.44 42.94
CA LEU I 177 -15.52 63.48 43.14
C LEU I 177 -15.08 63.46 44.60
N SER I 178 -14.84 64.64 45.16
CA SER I 178 -14.42 64.70 46.55
C SER I 178 -15.46 64.02 47.41
N LYS I 179 -16.74 64.11 47.02
CA LYS I 179 -17.80 63.48 47.79
C LYS I 179 -17.90 62.00 47.46
N GLY I 180 -16.91 61.48 46.74
CA GLY I 180 -16.89 60.06 46.40
C GLY I 180 -17.85 59.52 45.37
N PHE I 181 -17.97 60.20 44.24
CA PHE I 181 -18.86 59.72 43.19
C PHE I 181 -18.07 59.23 41.98
N GLU I 182 -18.70 58.37 41.18
CA GLU I 182 -18.03 57.80 40.02
C GLU I 182 -17.65 58.86 39.00
N GLY I 183 -18.47 59.89 38.88
CA GLY I 183 -18.19 60.93 37.91
C GLY I 183 -19.34 61.88 37.89
N VAL I 184 -19.63 62.46 36.73
CA VAL I 184 -20.74 63.40 36.60
C VAL I 184 -21.56 63.17 35.32
N MET I 185 -22.89 63.27 35.45
CA MET I 185 -23.78 63.08 34.31
C MET I 185 -24.20 64.44 33.75
N ILE I 186 -23.91 64.68 32.47
CA ILE I 186 -24.25 65.97 31.85
C ILE I 186 -25.45 65.81 30.92
N ARG I 187 -26.49 66.62 31.13
CA ARG I 187 -27.69 66.56 30.30
C ARG I 187 -28.04 67.90 29.67
N LYS I 188 -28.82 67.85 28.59
CA LYS I 188 -29.28 69.07 27.92
C LYS I 188 -30.58 69.44 28.62
N PRO I 189 -30.71 70.70 29.06
CA PRO I 189 -31.93 71.14 29.74
C PRO I 189 -33.23 70.69 29.10
N ASP I 190 -33.36 70.94 27.81
CA ASP I 190 -34.57 70.57 27.09
C ASP I 190 -34.57 69.13 26.66
N GLY I 191 -33.46 68.45 26.82
CA GLY I 191 -33.38 67.05 26.41
C GLY I 191 -34.59 66.19 26.71
N LYS I 192 -34.81 65.18 25.87
CA LYS I 192 -35.93 64.25 26.02
C LYS I 192 -35.46 62.96 26.69
N TYR I 193 -36.40 62.08 26.98
CA TYR I 193 -36.03 60.80 27.56
C TYR I 193 -35.90 59.85 26.40
N LYS I 194 -34.79 59.94 25.67
CA LYS I 194 -34.58 59.06 24.54
C LYS I 194 -34.58 57.59 24.91
N PHE I 195 -35.31 56.78 24.16
CA PHE I 195 -35.37 55.35 24.41
C PHE I 195 -34.16 54.72 23.75
N GLY I 196 -32.98 55.01 24.31
CA GLY I 196 -31.75 54.46 23.75
C GLY I 196 -30.54 55.24 24.24
N ARG I 197 -29.37 54.87 23.75
CA ARG I 197 -28.16 55.57 24.19
C ARG I 197 -27.99 56.88 23.44
N SER I 198 -27.98 57.99 24.18
CA SER I 198 -27.78 59.31 23.61
C SER I 198 -26.51 59.36 22.78
N THR I 199 -26.43 60.29 21.85
CA THR I 199 -25.21 60.40 21.05
C THR I 199 -24.47 61.61 21.57
N LEU I 200 -23.21 61.74 21.17
CA LEU I 200 -22.43 62.87 21.62
C LEU I 200 -23.13 64.15 21.19
N LYS I 201 -23.32 64.29 19.87
CA LYS I 201 -23.98 65.48 19.31
C LYS I 201 -25.32 65.78 19.96
N GLU I 202 -26.15 64.76 20.12
CA GLU I 202 -27.46 64.94 20.72
C GLU I 202 -27.32 65.66 22.04
N GLY I 203 -26.29 65.28 22.80
CA GLY I 203 -26.06 65.90 24.08
C GLY I 203 -27.25 65.78 25.01
N ILE I 204 -27.90 64.63 25.00
CA ILE I 204 -29.05 64.46 25.88
C ILE I 204 -28.53 64.01 27.23
N LEU I 205 -27.65 63.02 27.21
CA LEU I 205 -27.07 62.53 28.44
C LEU I 205 -25.65 62.08 28.17
N LEU I 206 -24.71 62.71 28.84
CA LEU I 206 -23.29 62.40 28.70
C LEU I 206 -22.71 61.93 30.04
N LYS I 207 -21.81 60.96 29.96
CA LYS I 207 -21.13 60.42 31.13
C LYS I 207 -19.69 60.94 31.15
N MET I 208 -19.31 61.57 32.26
CA MET I 208 -17.97 62.14 32.41
C MET I 208 -17.19 61.42 33.50
N LYS I 209 -16.29 60.54 33.07
CA LYS I 209 -15.46 59.77 33.97
C LYS I 209 -13.98 60.03 33.65
N GLN I 210 -13.16 60.15 34.69
CA GLN I 210 -11.72 60.42 34.55
C GLN I 210 -10.86 59.16 34.71
N PHE I 211 -10.43 58.58 33.60
CA PHE I 211 -9.59 57.39 33.63
C PHE I 211 -8.15 57.77 34.00
N LYS I 212 -7.32 56.75 34.23
CA LYS I 212 -5.92 56.99 34.58
C LYS I 212 -4.99 56.17 33.70
N ASP I 213 -3.91 56.80 33.26
CA ASP I 213 -2.92 56.15 32.42
C ASP I 213 -1.94 55.30 33.20
N ALA I 214 -1.32 54.33 32.53
CA ALA I 214 -0.36 53.46 33.18
C ALA I 214 0.31 52.56 32.15
N GLU I 215 1.12 51.61 32.61
CA GLU I 215 1.79 50.69 31.71
C GLU I 215 1.96 49.34 32.39
N ALA I 216 1.97 48.29 31.58
CA ALA I 216 2.13 46.94 32.11
C ALA I 216 2.97 46.18 31.11
N THR I 217 3.37 44.98 31.50
CA THR I 217 4.22 44.16 30.65
C THR I 217 3.47 42.93 30.18
N ILE I 218 3.39 42.77 28.86
CA ILE I 218 2.69 41.62 28.29
C ILE I 218 3.39 40.35 28.72
N ILE I 219 2.63 39.34 29.12
CA ILE I 219 3.22 38.08 29.53
C ILE I 219 2.64 36.89 28.80
N SER I 220 1.54 37.11 28.11
CA SER I 220 0.88 36.05 27.35
C SER I 220 -0.29 36.59 26.56
N MET I 221 -0.80 35.77 25.64
CA MET I 221 -1.93 36.17 24.82
C MET I 221 -3.01 35.09 24.78
N THR I 222 -4.20 35.49 24.35
CA THR I 222 -5.33 34.58 24.23
C THR I 222 -6.06 34.79 22.90
N ALA I 223 -6.47 33.71 22.28
CA ALA I 223 -7.16 33.76 21.01
C ALA I 223 -8.55 34.40 21.08
N LEU I 224 -8.98 34.96 19.95
CA LEU I 224 -10.28 35.59 19.83
C LEU I 224 -11.27 34.44 19.66
N PHE I 225 -12.49 34.62 20.15
CA PHE I 225 -13.50 33.58 20.02
C PHE I 225 -14.83 34.07 19.48
N LYS I 226 -15.23 33.51 18.34
CA LYS I 226 -16.50 33.86 17.71
C LYS I 226 -17.62 33.08 18.38
N ASN I 227 -18.61 33.80 18.90
CA ASN I 227 -19.73 33.16 19.58
C ASN I 227 -20.75 32.73 18.57
N THR I 228 -20.67 31.48 18.15
CA THR I 228 -21.60 30.96 17.17
C THR I 228 -22.88 30.42 17.77
N ASN I 229 -23.19 30.79 18.99
CA ASN I 229 -24.42 30.31 19.59
C ASN I 229 -25.61 30.84 18.83
N THR I 230 -26.71 30.09 18.84
CA THR I 230 -27.92 30.47 18.14
C THR I 230 -28.39 31.89 18.44
N LYS I 231 -28.57 32.66 17.37
CA LYS I 231 -28.99 34.05 17.48
C LYS I 231 -30.47 34.15 17.78
N THR I 232 -30.82 34.95 18.79
CA THR I 232 -32.22 35.13 19.13
C THR I 232 -32.51 36.61 19.39
N LYS I 233 -33.60 36.88 20.11
CA LYS I 233 -34.00 38.26 20.41
C LYS I 233 -34.01 38.48 21.91
N ASP I 234 -34.03 39.73 22.33
CA ASP I 234 -34.05 40.02 23.75
C ASP I 234 -35.19 40.97 24.11
N ASN I 235 -35.30 41.28 25.39
CA ASN I 235 -36.36 42.15 25.89
C ASN I 235 -36.65 43.36 25.04
N PHE I 236 -35.68 43.79 24.25
CA PHE I 236 -35.88 44.97 23.43
C PHE I 236 -35.93 44.62 21.94
N GLY I 237 -35.59 43.39 21.59
CA GLY I 237 -35.61 42.99 20.19
C GLY I 237 -34.25 43.00 19.55
N TYR I 238 -33.20 43.12 20.34
CA TYR I 238 -31.84 43.14 19.83
C TYR I 238 -31.24 41.74 19.77
N SER I 239 -30.29 41.56 18.86
CA SER I 239 -29.62 40.28 18.71
C SER I 239 -29.07 39.79 20.05
N LYS I 240 -29.43 38.57 20.42
CA LYS I 240 -28.97 37.97 21.67
C LYS I 240 -28.47 36.56 21.44
N ARG I 241 -27.26 36.27 21.90
CA ARG I 241 -26.71 34.94 21.72
C ARG I 241 -26.20 34.39 23.05
N SER I 242 -26.34 33.09 23.24
CA SER I 242 -25.89 32.45 24.46
C SER I 242 -24.38 32.51 24.55
N THR I 243 -23.83 32.06 25.67
CA THR I 243 -22.38 32.09 25.87
C THR I 243 -21.77 30.72 26.14
N HIS I 244 -22.47 29.65 25.77
CA HIS I 244 -22.00 28.29 25.96
C HIS I 244 -20.70 28.05 25.21
N LYS I 245 -19.70 27.53 25.91
CA LYS I 245 -18.40 27.28 25.28
C LYS I 245 -18.57 26.40 24.06
N SER I 246 -19.66 25.66 23.99
CA SER I 246 -19.93 24.78 22.87
C SER I 246 -19.84 25.53 21.55
N GLY I 247 -20.58 26.64 21.48
CA GLY I 247 -20.60 27.45 20.28
C GLY I 247 -19.55 28.52 20.22
N LYS I 248 -18.36 28.22 20.75
CA LYS I 248 -17.26 29.17 20.76
C LYS I 248 -16.14 28.71 19.85
N VAL I 249 -16.11 29.20 18.62
CA VAL I 249 -15.06 28.82 17.71
C VAL I 249 -13.85 29.74 17.87
N GLU I 250 -12.68 29.14 17.98
CA GLU I 250 -11.45 29.88 18.15
C GLU I 250 -10.99 30.55 16.86
N GLU I 251 -10.86 31.86 16.90
CA GLU I 251 -10.40 32.61 15.74
C GLU I 251 -8.87 32.65 15.76
N ASP I 252 -8.28 32.89 14.60
CA ASP I 252 -6.84 32.90 14.51
C ASP I 252 -6.26 34.31 14.70
N VAL I 253 -6.72 34.99 15.75
CA VAL I 253 -6.25 36.33 16.06
C VAL I 253 -6.36 36.56 17.56
N MET I 254 -5.60 37.52 18.05
CA MET I 254 -5.61 37.82 19.48
C MET I 254 -6.96 38.33 19.97
N GLY I 255 -7.33 37.93 21.19
CA GLY I 255 -8.60 38.37 21.75
C GLY I 255 -8.39 39.20 23.00
N SER I 256 -7.34 38.86 23.73
CA SER I 256 -6.98 39.56 24.97
C SER I 256 -5.52 39.26 25.29
N ILE I 257 -4.94 40.07 26.17
CA ILE I 257 -3.55 39.85 26.54
C ILE I 257 -3.36 40.00 28.04
N GLU I 258 -2.78 38.98 28.67
CA GLU I 258 -2.52 39.00 30.11
C GLU I 258 -1.29 39.89 30.28
N VAL I 259 -1.32 40.79 31.27
CA VAL I 259 -0.19 41.67 31.52
C VAL I 259 0.16 41.84 33.00
N ASP I 260 1.39 42.26 33.27
CA ASP I 260 1.85 42.45 34.66
C ASP I 260 2.02 43.93 34.93
N TYR I 261 1.07 44.51 35.68
CA TYR I 261 1.11 45.93 36.02
C TYR I 261 1.78 46.10 37.37
N ASP I 262 3.10 46.19 37.32
CA ASP I 262 3.91 46.36 38.50
C ASP I 262 3.43 45.46 39.62
N GLY I 263 3.42 44.16 39.36
CA GLY I 263 3.00 43.21 40.36
C GLY I 263 1.68 42.53 40.12
N VAL I 264 0.64 43.32 39.86
CA VAL I 264 -0.69 42.79 39.63
C VAL I 264 -0.85 42.28 38.20
N VAL I 265 -1.62 41.20 38.07
CA VAL I 265 -1.85 40.60 36.77
C VAL I 265 -3.33 40.58 36.42
N PHE I 266 -3.62 40.96 35.17
CA PHE I 266 -4.99 41.01 34.66
C PHE I 266 -4.96 41.08 33.15
N SER I 267 -6.11 40.87 32.54
CA SER I 267 -6.18 40.87 31.10
C SER I 267 -6.73 42.15 30.48
N ILE I 268 -6.34 42.40 29.23
CA ILE I 268 -6.81 43.55 28.49
C ILE I 268 -7.24 43.04 27.12
N GLY I 269 -8.52 43.20 26.79
CA GLY I 269 -9.02 42.68 25.52
C GLY I 269 -9.81 43.63 24.64
N THR I 270 -9.96 44.86 25.10
CA THR I 270 -10.70 45.84 24.33
C THR I 270 -9.70 46.92 23.98
N GLY I 271 -10.07 47.79 23.03
CA GLY I 271 -9.18 48.85 22.63
C GLY I 271 -8.32 48.49 21.42
N PHE I 272 -8.51 47.27 20.93
CA PHE I 272 -7.76 46.77 19.77
C PHE I 272 -8.61 46.79 18.51
N ASP I 273 -7.99 47.08 17.38
CA ASP I 273 -8.73 47.11 16.12
C ASP I 273 -8.40 45.86 15.34
N ALA I 274 -9.17 45.60 14.30
CA ALA I 274 -8.98 44.41 13.48
C ALA I 274 -7.52 44.10 13.19
N ASP I 275 -6.85 45.04 12.53
CA ASP I 275 -5.45 44.84 12.17
C ASP I 275 -4.53 44.58 13.37
N GLN I 276 -4.79 45.24 14.49
CA GLN I 276 -3.96 45.06 15.68
C GLN I 276 -4.06 43.63 16.20
N ARG I 277 -5.29 43.15 16.36
CA ARG I 277 -5.56 41.80 16.85
C ARG I 277 -4.87 40.79 15.96
N ARG I 278 -4.79 41.14 14.68
CA ARG I 278 -4.15 40.30 13.67
C ARG I 278 -2.66 40.24 13.93
N ASP I 279 -2.03 41.42 14.03
CA ASP I 279 -0.61 41.51 14.27
C ASP I 279 -0.23 40.86 15.59
N PHE I 280 -0.78 41.38 16.69
CA PHE I 280 -0.49 40.85 18.02
C PHE I 280 -0.47 39.32 18.06
N TRP I 281 -1.46 38.69 17.44
CA TRP I 281 -1.51 37.24 17.44
C TRP I 281 -0.44 36.68 16.50
N GLN I 282 -0.25 37.34 15.37
CA GLN I 282 0.75 36.94 14.36
C GLN I 282 2.14 36.88 14.99
N ASN I 283 2.40 37.77 15.94
CA ASN I 283 3.70 37.82 16.60
C ASN I 283 3.53 37.64 18.10
N LYS I 284 2.64 36.72 18.48
CA LYS I 284 2.40 36.47 19.89
C LYS I 284 3.70 36.23 20.63
N GLU I 285 4.58 35.42 20.05
CA GLU I 285 5.85 35.11 20.70
C GLU I 285 6.82 36.26 20.83
N SER I 286 6.98 37.03 19.77
CA SER I 286 7.91 38.16 19.79
C SER I 286 7.31 39.41 20.41
N TYR I 287 6.10 39.30 20.96
CA TYR I 287 5.45 40.46 21.57
C TYR I 287 5.55 40.41 23.10
N ILE I 288 5.70 39.20 23.62
CA ILE I 288 5.81 39.01 25.07
C ILE I 288 6.96 39.86 25.59
N GLY I 289 6.84 40.35 26.81
CA GLY I 289 7.90 41.15 27.38
C GLY I 289 7.80 42.62 27.02
N LYS I 290 7.08 42.95 25.97
CA LYS I 290 6.94 44.35 25.58
C LYS I 290 6.05 45.15 26.54
N MET I 291 6.26 46.45 26.57
CA MET I 291 5.48 47.32 27.46
C MET I 291 4.35 47.99 26.67
N VAL I 292 3.15 47.96 27.23
CA VAL I 292 2.01 48.58 26.56
C VAL I 292 1.29 49.55 27.47
N LYS I 293 0.81 50.64 26.90
CA LYS I 293 0.07 51.66 27.62
C LYS I 293 -1.40 51.27 27.69
N PHE I 294 -2.12 51.78 28.69
CA PHE I 294 -3.52 51.45 28.86
C PHE I 294 -4.12 52.35 29.90
N LYS I 295 -5.43 52.55 29.84
CA LYS I 295 -6.09 53.40 30.81
C LYS I 295 -7.08 52.56 31.61
N TYR I 296 -7.44 53.05 32.79
CA TYR I 296 -8.37 52.31 33.63
C TYR I 296 -8.99 53.21 34.69
N PHE I 297 -10.07 52.73 35.31
CA PHE I 297 -10.75 53.49 36.34
C PHE I 297 -10.37 52.88 37.70
N GLU I 298 -9.90 53.69 38.64
CA GLU I 298 -9.50 53.16 39.93
C GLU I 298 -10.67 52.73 40.80
N MET I 299 -11.68 53.57 40.89
CA MET I 299 -12.85 53.26 41.72
C MET I 299 -13.58 52.01 41.25
N GLY I 300 -13.84 51.10 42.19
CA GLY I 300 -14.54 49.87 41.84
C GLY I 300 -13.61 48.68 41.70
N SER I 301 -12.32 48.97 41.50
CA SER I 301 -11.30 47.93 41.34
C SER I 301 -11.13 47.14 42.63
N LYS I 302 -11.39 45.84 42.57
CA LYS I 302 -11.26 44.99 43.75
C LYS I 302 -9.82 44.49 43.88
N ASP I 303 -9.36 43.74 42.88
CA ASP I 303 -8.01 43.19 42.90
C ASP I 303 -7.16 43.61 41.70
N CYS I 304 -7.81 44.21 40.71
CA CYS I 304 -7.13 44.67 39.49
C CYS I 304 -7.87 45.86 38.93
N PRO I 305 -7.28 46.54 37.93
CA PRO I 305 -7.90 47.71 37.31
C PRO I 305 -9.31 47.46 36.78
N ARG I 306 -10.14 48.49 36.85
CA ARG I 306 -11.51 48.40 36.35
C ARG I 306 -11.62 49.04 34.97
N PHE I 307 -12.31 48.35 34.06
CA PHE I 307 -12.51 48.88 32.71
C PHE I 307 -11.16 49.06 32.02
N PRO I 308 -10.26 48.08 32.12
CA PRO I 308 -8.95 48.23 31.47
C PRO I 308 -9.10 48.39 29.96
N VAL I 309 -8.48 49.44 29.43
CA VAL I 309 -8.54 49.69 28.00
C VAL I 309 -7.15 49.90 27.42
N PHE I 310 -6.82 49.13 26.40
CA PHE I 310 -5.53 49.22 25.73
C PHE I 310 -5.46 50.52 24.95
N ILE I 311 -4.29 51.14 24.95
CA ILE I 311 -4.08 52.38 24.23
C ILE I 311 -3.02 52.26 23.13
N GLY I 312 -1.87 51.68 23.45
CA GLY I 312 -0.82 51.54 22.46
C GLY I 312 0.41 50.84 23.01
N ILE I 313 1.36 50.52 22.14
CA ILE I 313 2.59 49.84 22.54
C ILE I 313 3.68 50.85 22.90
N ARG I 314 4.74 50.37 23.53
CA ARG I 314 5.88 51.21 23.92
C ARG I 314 5.48 52.31 24.92
N MET J 22 52.81 14.19 -39.58
CA MET J 22 52.16 13.07 -40.34
C MET J 22 51.16 12.30 -39.48
N ALA J 23 51.08 12.65 -38.20
CA ALA J 23 50.17 11.99 -37.29
C ALA J 23 48.74 12.47 -37.56
N ILE J 24 47.80 12.02 -36.75
CA ILE J 24 46.40 12.39 -36.89
C ILE J 24 45.99 13.28 -35.73
N THR J 25 45.78 14.57 -35.99
CA THR J 25 45.40 15.49 -34.93
C THR J 25 44.19 14.96 -34.16
N LYS J 26 43.14 14.67 -34.89
CA LYS J 26 41.91 14.16 -34.31
C LYS J 26 41.26 13.24 -35.34
N PRO J 27 40.62 12.16 -34.87
CA PRO J 27 39.96 11.18 -35.74
C PRO J 27 38.90 11.77 -36.64
N LEU J 28 38.70 11.10 -37.78
CA LEU J 28 37.73 11.49 -38.79
C LEU J 28 36.33 11.10 -38.34
N LEU J 29 35.39 12.04 -38.43
CA LEU J 29 34.03 11.75 -38.01
C LEU J 29 33.04 12.03 -39.12
N ALA J 30 32.12 11.10 -39.33
CA ALA J 30 31.13 11.21 -40.38
C ALA J 30 29.91 12.01 -39.97
N ALA J 31 29.21 12.49 -40.99
CA ALA J 31 28.01 13.28 -40.81
C ALA J 31 26.80 12.38 -41.08
N THR J 32 25.73 12.67 -40.37
CA THR J 32 24.52 11.89 -40.49
C THR J 32 23.74 12.20 -41.75
N LEU J 33 23.60 11.19 -42.61
CA LEU J 33 22.86 11.34 -43.85
C LEU J 33 21.37 11.22 -43.58
N GLU J 34 20.60 12.20 -44.01
CA GLU J 34 19.14 12.21 -43.82
C GLU J 34 18.38 12.01 -45.14
N ASN J 35 18.72 12.80 -46.16
CA ASN J 35 18.07 12.71 -47.46
C ASN J 35 18.95 11.96 -48.44
N ILE J 36 18.47 10.82 -48.90
CA ILE J 36 19.22 9.99 -49.83
C ILE J 36 19.61 10.77 -51.08
N GLU J 37 18.98 11.92 -51.28
CA GLU J 37 19.26 12.75 -52.42
C GLU J 37 20.56 13.52 -52.28
N ASP J 38 20.99 13.75 -51.05
CA ASP J 38 22.21 14.51 -50.84
C ASP J 38 23.48 13.73 -51.20
N VAL J 39 23.35 12.43 -51.46
CA VAL J 39 24.51 11.63 -51.80
C VAL J 39 25.03 11.96 -53.19
N GLN J 40 26.33 12.23 -53.30
CA GLN J 40 26.92 12.53 -54.59
C GLN J 40 27.53 11.26 -55.16
N PHE J 41 27.43 11.11 -56.48
CA PHE J 41 27.99 9.92 -57.13
C PHE J 41 29.00 10.31 -58.20
N PRO J 42 29.96 9.42 -58.47
CA PRO J 42 30.08 8.12 -57.80
C PRO J 42 30.70 8.25 -56.41
N CYS J 43 30.46 7.26 -55.56
CA CYS J 43 30.99 7.28 -54.22
C CYS J 43 31.35 5.87 -53.78
N LEU J 44 32.22 5.77 -52.79
CA LEU J 44 32.65 4.47 -52.27
C LEU J 44 31.96 4.27 -50.92
N ALA J 45 31.48 3.05 -50.70
CA ALA J 45 30.78 2.73 -49.47
C ALA J 45 31.31 1.47 -48.83
N THR J 46 31.11 1.38 -47.53
CA THR J 46 31.52 0.22 -46.74
C THR J 46 30.53 0.05 -45.60
N PRO J 47 30.57 -1.09 -44.94
CA PRO J 47 29.66 -1.34 -43.83
C PRO J 47 30.10 -0.62 -42.55
N LYS J 48 29.14 -0.13 -41.79
CA LYS J 48 29.45 0.56 -40.55
C LYS J 48 29.34 -0.45 -39.41
N ILE J 49 30.46 -0.70 -38.73
CA ILE J 49 30.47 -1.64 -37.61
C ILE J 49 29.95 -1.02 -36.32
N ASP J 50 29.27 -1.82 -35.49
CA ASP J 50 28.74 -1.33 -34.23
C ASP J 50 29.72 -1.67 -33.13
N GLY J 51 30.99 -1.34 -33.39
CA GLY J 51 32.03 -1.59 -32.41
C GLY J 51 32.51 -0.29 -31.77
N ILE J 52 33.77 -0.27 -31.38
CA ILE J 52 34.36 0.91 -30.77
C ILE J 52 35.54 1.40 -31.60
N ARG J 53 35.49 2.68 -31.94
CA ARG J 53 36.51 3.36 -32.74
C ARG J 53 37.85 3.34 -32.03
N SER J 54 38.92 3.08 -32.77
CA SER J 54 40.26 3.05 -32.22
C SER J 54 41.32 3.31 -33.28
N VAL J 55 42.10 4.37 -33.10
CA VAL J 55 43.16 4.73 -34.03
C VAL J 55 44.53 4.39 -33.44
N LYS J 56 45.48 3.98 -34.30
CA LYS J 56 46.82 3.67 -33.83
C LYS J 56 47.78 4.83 -33.97
N GLN J 57 48.19 5.37 -32.82
CA GLN J 57 49.10 6.49 -32.73
C GLN J 57 50.13 6.03 -31.68
N THR J 58 51.15 5.32 -32.14
CA THR J 58 52.17 4.77 -31.25
C THR J 58 51.53 3.58 -30.56
N GLN J 59 50.40 3.85 -29.89
CA GLN J 59 49.66 2.79 -29.23
C GLN J 59 48.23 2.89 -29.75
N MET J 60 47.30 2.16 -29.16
CA MET J 60 45.91 2.22 -29.62
C MET J 60 45.13 3.25 -28.80
N LEU J 61 44.54 4.22 -29.49
CA LEU J 61 43.77 5.24 -28.81
C LEU J 61 42.28 5.12 -29.14
N SER J 62 41.45 5.74 -28.31
CA SER J 62 40.02 5.72 -28.49
C SER J 62 39.60 6.96 -29.29
N ARG J 63 38.32 7.05 -29.62
CA ARG J 63 37.77 8.17 -30.39
C ARG J 63 38.22 9.51 -29.81
N THR J 64 38.37 9.56 -28.49
CA THR J 64 38.79 10.78 -27.82
C THR J 64 40.30 10.76 -27.58
N PHE J 65 40.97 9.92 -28.35
CA PHE J 65 42.42 9.80 -28.28
C PHE J 65 42.96 9.47 -26.90
N LYS J 66 42.23 8.63 -26.17
CA LYS J 66 42.68 8.19 -24.85
C LYS J 66 43.14 6.78 -25.16
N PRO J 67 44.00 6.21 -24.30
CA PRO J 67 44.48 4.85 -24.55
C PRO J 67 43.45 3.75 -24.26
N ILE J 68 43.39 2.75 -25.14
CA ILE J 68 42.44 1.66 -24.96
C ILE J 68 42.73 0.93 -23.64
N ARG J 69 41.83 1.07 -22.67
CA ARG J 69 42.03 0.41 -21.38
C ARG J 69 42.57 -1.03 -21.47
N ASN J 70 41.85 -1.89 -22.17
CA ASN J 70 42.25 -3.29 -22.32
C ASN J 70 43.63 -3.42 -22.94
N SER J 71 44.65 -3.52 -22.08
CA SER J 71 46.04 -3.63 -22.52
C SER J 71 46.36 -4.78 -23.46
N VAL J 72 45.75 -5.93 -23.26
CA VAL J 72 45.99 -7.08 -24.11
C VAL J 72 45.71 -6.69 -25.57
N MET J 73 44.57 -6.01 -25.79
CA MET J 73 44.19 -5.57 -27.13
C MET J 73 45.18 -4.52 -27.62
N ASN J 74 45.25 -3.45 -26.84
CA ASN J 74 46.11 -2.32 -27.15
C ASN J 74 47.47 -2.83 -27.60
N ARG J 75 48.09 -3.62 -26.74
CA ARG J 75 49.40 -4.19 -26.98
C ARG J 75 49.37 -5.01 -28.27
N LEU J 76 48.45 -5.97 -28.36
CA LEU J 76 48.34 -6.82 -29.54
C LEU J 76 48.19 -6.05 -30.83
N LEU J 77 47.19 -5.16 -30.87
CA LEU J 77 46.93 -4.38 -32.05
C LEU J 77 48.12 -3.53 -32.43
N THR J 78 48.86 -3.07 -31.43
CA THR J 78 50.03 -2.23 -31.67
C THR J 78 51.12 -2.99 -32.44
N GLU J 79 51.17 -4.31 -32.25
CA GLU J 79 52.15 -5.13 -32.94
C GLU J 79 51.75 -5.41 -34.38
N LEU J 80 50.45 -5.65 -34.60
CA LEU J 80 49.95 -5.95 -35.94
C LEU J 80 49.72 -4.70 -36.81
N LEU J 81 48.93 -3.78 -36.29
CA LEU J 81 48.59 -2.57 -37.03
C LEU J 81 49.74 -1.59 -37.19
N PRO J 82 49.92 -1.08 -38.41
CA PRO J 82 50.98 -0.11 -38.66
C PRO J 82 50.58 1.28 -38.17
N GLU J 83 51.56 2.05 -37.72
CA GLU J 83 51.30 3.41 -37.24
C GLU J 83 50.34 4.16 -38.18
N GLY J 84 49.26 4.70 -37.60
CA GLY J 84 48.28 5.44 -38.39
C GLY J 84 47.13 4.63 -38.95
N SER J 85 46.67 3.63 -38.19
CA SER J 85 45.57 2.80 -38.61
C SER J 85 44.30 3.25 -37.93
N ASP J 86 43.24 3.39 -38.72
CA ASP J 86 41.96 3.80 -38.20
C ASP J 86 40.97 2.66 -38.43
N GLY J 87 40.19 2.34 -37.40
CA GLY J 87 39.21 1.26 -37.51
C GLY J 87 38.40 1.10 -36.23
N GLU J 88 37.71 -0.03 -36.10
CA GLU J 88 36.90 -0.29 -34.93
C GLU J 88 37.10 -1.69 -34.36
N ILE J 89 37.09 -1.76 -33.03
CA ILE J 89 37.26 -3.00 -32.31
C ILE J 89 35.86 -3.55 -32.10
N SER J 90 35.67 -4.82 -32.42
CA SER J 90 34.36 -5.43 -32.26
C SER J 90 34.44 -6.93 -32.02
N ILE J 91 33.67 -7.40 -31.04
CA ILE J 91 33.63 -8.83 -30.73
C ILE J 91 32.58 -9.50 -31.63
N GLU J 92 33.02 -10.36 -32.54
CA GLU J 92 32.09 -11.03 -33.43
C GLU J 92 31.03 -11.80 -32.67
N GLY J 93 29.80 -11.73 -33.15
CA GLY J 93 28.70 -12.45 -32.50
C GLY J 93 28.21 -11.83 -31.20
N ALA J 94 29.14 -11.35 -30.38
CA ALA J 94 28.77 -10.76 -29.09
C ALA J 94 27.88 -9.54 -29.24
N THR J 95 27.27 -9.13 -28.14
CA THR J 95 26.39 -7.97 -28.13
C THR J 95 27.26 -6.74 -28.00
N PHE J 96 26.67 -5.56 -28.15
CA PHE J 96 27.44 -4.34 -28.02
C PHE J 96 27.93 -4.20 -26.59
N GLN J 97 27.02 -4.35 -25.64
CA GLN J 97 27.37 -4.24 -24.23
C GLN J 97 28.53 -5.18 -23.92
N ASP J 98 28.59 -6.32 -24.60
CA ASP J 98 29.70 -7.25 -24.35
C ASP J 98 30.99 -6.65 -24.85
N THR J 99 30.99 -6.22 -26.12
CA THR J 99 32.18 -5.64 -26.73
C THR J 99 32.61 -4.42 -25.90
N THR J 100 31.63 -3.65 -25.44
CA THR J 100 31.93 -2.47 -24.64
C THR J 100 32.84 -2.85 -23.47
N SER J 101 32.49 -3.93 -22.78
CA SER J 101 33.27 -4.40 -21.65
C SER J 101 34.62 -4.98 -22.05
N ALA J 102 34.66 -5.71 -23.15
CA ALA J 102 35.91 -6.30 -23.56
C ALA J 102 36.93 -5.26 -23.98
N VAL J 103 36.57 -3.99 -23.94
CA VAL J 103 37.48 -2.94 -24.37
C VAL J 103 37.65 -1.86 -23.33
N MET J 104 36.60 -1.58 -22.57
CA MET J 104 36.67 -0.55 -21.56
C MET J 104 37.23 -1.02 -20.23
N THR J 105 37.52 -2.33 -20.11
CA THR J 105 38.04 -2.89 -18.87
C THR J 105 39.54 -3.09 -18.94
N GLY J 106 40.23 -2.77 -17.83
CA GLY J 106 41.66 -2.92 -17.78
C GLY J 106 42.10 -4.36 -17.58
N HIS J 107 41.84 -5.20 -18.57
CA HIS J 107 42.22 -6.61 -18.50
C HIS J 107 43.71 -6.82 -18.48
N LYS J 108 44.16 -7.66 -17.55
CA LYS J 108 45.56 -8.00 -17.41
C LYS J 108 45.82 -9.12 -18.44
N MET J 109 44.88 -10.06 -18.50
CA MET J 109 44.96 -11.19 -19.41
C MET J 109 43.61 -11.33 -20.12
N TYR J 110 43.63 -11.19 -21.44
CA TYR J 110 42.44 -11.32 -22.25
C TYR J 110 42.67 -12.41 -23.27
N ASN J 111 42.01 -13.54 -23.05
CA ASN J 111 42.13 -14.72 -23.92
C ASN J 111 41.10 -14.77 -25.05
N ALA J 112 39.91 -14.22 -24.81
CA ALA J 112 38.85 -14.23 -25.81
C ALA J 112 39.27 -13.63 -27.15
N LYS J 113 38.61 -14.06 -28.22
CA LYS J 113 38.90 -13.58 -29.58
C LYS J 113 38.22 -12.23 -29.81
N PHE J 114 38.67 -11.51 -30.83
CA PHE J 114 38.07 -10.24 -31.15
C PHE J 114 38.60 -9.77 -32.49
N SER J 115 37.80 -8.96 -33.18
CA SER J 115 38.17 -8.47 -34.48
C SER J 115 38.41 -6.97 -34.50
N TYR J 116 39.08 -6.51 -35.55
CA TYR J 116 39.38 -5.09 -35.74
C TYR J 116 39.12 -4.73 -37.19
N TYR J 117 38.10 -3.92 -37.46
CA TYR J 117 37.83 -3.54 -38.85
C TYR J 117 38.67 -2.35 -39.26
N TRP J 118 39.67 -2.62 -40.09
CA TRP J 118 40.60 -1.60 -40.58
C TRP J 118 40.00 -0.90 -41.79
N PHE J 119 39.58 0.35 -41.62
CA PHE J 119 38.96 1.03 -42.73
C PHE J 119 39.64 2.26 -43.28
N ASP J 120 40.71 2.71 -42.63
CA ASP J 120 41.45 3.87 -43.10
C ASP J 120 42.89 3.72 -42.73
N TYR J 121 43.77 4.47 -43.41
CA TYR J 121 45.21 4.40 -43.16
C TYR J 121 45.95 5.66 -43.56
N VAL J 122 46.50 6.35 -42.57
CA VAL J 122 47.23 7.58 -42.82
C VAL J 122 48.72 7.33 -42.67
N THR J 123 49.40 7.12 -43.80
CA THR J 123 50.83 6.88 -43.79
C THR J 123 51.61 8.16 -43.58
N ASP J 124 51.41 9.14 -44.46
CA ASP J 124 52.11 10.41 -44.35
C ASP J 124 51.23 11.63 -44.50
N ASP J 125 50.82 11.92 -45.73
CA ASP J 125 49.96 13.09 -45.98
C ASP J 125 48.48 12.78 -45.81
N PRO J 126 47.82 13.46 -44.86
CA PRO J 126 46.40 13.26 -44.57
C PRO J 126 45.53 13.89 -45.64
N LEU J 127 46.14 14.25 -46.77
CA LEU J 127 45.39 14.84 -47.86
C LEU J 127 45.31 13.89 -49.04
N LYS J 128 45.84 12.69 -48.87
CA LYS J 128 45.81 11.70 -49.94
C LYS J 128 44.40 11.13 -50.11
N LYS J 129 43.89 11.15 -51.34
CA LYS J 129 42.55 10.64 -51.65
C LYS J 129 42.26 9.30 -50.99
N TYR J 130 41.04 9.16 -50.48
CA TYR J 130 40.59 7.94 -49.81
C TYR J 130 41.00 6.70 -50.60
N ILE J 131 40.66 6.65 -51.88
CA ILE J 131 41.00 5.50 -52.70
C ILE J 131 42.47 5.15 -52.54
N ASP J 132 43.32 6.17 -52.60
CA ASP J 132 44.76 5.99 -52.47
C ASP J 132 45.12 5.49 -51.06
N ARG J 133 44.48 6.05 -50.04
CA ARG J 133 44.74 5.64 -48.67
C ARG J 133 44.37 4.16 -48.52
N VAL J 134 43.34 3.74 -49.26
CA VAL J 134 42.91 2.36 -49.21
C VAL J 134 44.00 1.53 -49.88
N GLU J 135 44.47 2.04 -51.02
CA GLU J 135 45.52 1.37 -51.77
C GLU J 135 46.71 1.14 -50.83
N ASP J 136 47.08 2.17 -50.08
CA ASP J 136 48.19 2.07 -49.14
C ASP J 136 47.90 0.97 -48.15
N MET J 137 46.64 0.81 -47.79
CA MET J 137 46.25 -0.21 -46.83
C MET J 137 46.36 -1.59 -47.47
N LYS J 138 45.91 -1.68 -48.72
CA LYS J 138 45.94 -2.96 -49.42
C LYS J 138 47.39 -3.40 -49.58
N ASN J 139 48.25 -2.47 -49.97
CA ASN J 139 49.65 -2.77 -50.17
C ASN J 139 50.30 -3.32 -48.92
N TYR J 140 50.11 -2.60 -47.81
CA TYR J 140 50.69 -3.03 -46.55
C TYR J 140 50.36 -4.50 -46.28
N ILE J 141 49.15 -4.90 -46.65
CA ILE J 141 48.70 -6.27 -46.45
C ILE J 141 49.51 -7.24 -47.29
N THR J 142 49.67 -6.90 -48.56
CA THR J 142 50.41 -7.76 -49.46
C THR J 142 51.77 -8.05 -48.86
N VAL J 143 52.35 -7.05 -48.24
CA VAL J 143 53.67 -7.16 -47.64
C VAL J 143 53.66 -7.87 -46.29
N HIS J 144 52.54 -7.81 -45.58
CA HIS J 144 52.46 -8.46 -44.28
C HIS J 144 51.19 -9.32 -44.15
N PRO J 145 51.04 -10.31 -45.03
CA PRO J 145 49.87 -11.19 -45.03
C PRO J 145 49.53 -11.78 -43.67
N HIS J 146 50.55 -12.00 -42.85
CA HIS J 146 50.35 -12.60 -41.53
C HIS J 146 49.38 -11.86 -40.61
N ILE J 147 49.23 -10.56 -40.79
CA ILE J 147 48.33 -9.79 -39.93
C ILE J 147 46.89 -10.29 -39.97
N LEU J 148 46.44 -10.66 -41.17
CA LEU J 148 45.10 -11.15 -41.35
C LEU J 148 45.01 -12.62 -40.97
N GLU J 149 46.07 -13.12 -40.33
CA GLU J 149 46.10 -14.53 -39.95
C GLU J 149 46.33 -14.78 -38.47
N HIS J 150 46.39 -13.71 -37.68
CA HIS J 150 46.64 -13.88 -36.26
C HIS J 150 45.64 -14.85 -35.64
N ALA J 151 46.12 -15.66 -34.71
CA ALA J 151 45.28 -16.65 -34.06
C ALA J 151 44.14 -16.07 -33.23
N GLN J 152 44.37 -14.94 -32.60
CA GLN J 152 43.36 -14.31 -31.74
C GLN J 152 42.66 -13.12 -32.40
N VAL J 153 43.44 -12.08 -32.68
CA VAL J 153 42.93 -10.86 -33.29
C VAL J 153 42.72 -11.03 -34.78
N LYS J 154 41.47 -10.88 -35.23
CA LYS J 154 41.19 -11.00 -36.65
C LYS J 154 41.07 -9.61 -37.27
N ILE J 155 42.05 -9.24 -38.09
CA ILE J 155 42.03 -7.93 -38.73
C ILE J 155 41.23 -8.00 -40.03
N ILE J 156 40.23 -7.13 -40.13
CA ILE J 156 39.38 -7.10 -41.30
C ILE J 156 39.44 -5.80 -42.09
N PRO J 157 40.08 -5.83 -43.26
CA PRO J 157 40.21 -4.64 -44.10
C PRO J 157 38.88 -4.30 -44.76
N LEU J 158 38.41 -3.08 -44.57
CA LEU J 158 37.17 -2.68 -45.18
C LEU J 158 37.43 -1.93 -46.48
N ILE J 159 37.61 -2.68 -47.56
CA ILE J 159 37.85 -2.12 -48.88
C ILE J 159 36.50 -1.63 -49.41
N PRO J 160 36.39 -0.33 -49.71
CA PRO J 160 35.14 0.24 -50.23
C PRO J 160 34.61 -0.40 -51.51
N VAL J 161 33.32 -0.18 -51.76
CA VAL J 161 32.64 -0.67 -52.95
C VAL J 161 32.21 0.55 -53.74
N GLU J 162 32.31 0.47 -55.06
CA GLU J 162 31.95 1.61 -55.89
C GLU J 162 30.45 1.70 -56.14
N ILE J 163 29.83 2.78 -55.68
CA ILE J 163 28.39 2.97 -55.87
C ILE J 163 28.17 4.10 -56.88
N ASN J 164 27.38 3.81 -57.91
CA ASN J 164 27.15 4.81 -58.95
C ASN J 164 25.81 5.55 -58.95
N ASN J 165 24.84 5.05 -58.19
CA ASN J 165 23.52 5.71 -58.14
C ASN J 165 22.62 5.21 -57.00
N ILE J 166 21.68 6.05 -56.59
CA ILE J 166 20.76 5.71 -55.50
C ILE J 166 20.35 4.25 -55.49
N THR J 167 20.08 3.73 -56.67
CA THR J 167 19.67 2.33 -56.78
C THR J 167 20.74 1.41 -56.19
N GLU J 168 21.94 1.49 -56.74
CA GLU J 168 23.02 0.64 -56.27
C GLU J 168 23.23 0.82 -54.75
N LEU J 169 23.18 2.08 -54.30
CA LEU J 169 23.36 2.34 -52.88
C LEU J 169 22.35 1.52 -52.09
N LEU J 170 21.07 1.80 -52.34
CA LEU J 170 20.00 1.09 -51.66
C LEU J 170 20.24 -0.40 -51.68
N GLN J 171 20.78 -0.90 -52.79
CA GLN J 171 21.04 -2.33 -52.91
C GLN J 171 22.08 -2.70 -51.88
N TYR J 172 23.16 -1.90 -51.84
CA TYR J 172 24.24 -2.15 -50.89
C TYR J 172 23.69 -2.15 -49.46
N GLU J 173 22.86 -1.16 -49.13
CA GLU J 173 22.29 -1.09 -47.78
C GLU J 173 21.62 -2.41 -47.44
N ARG J 174 20.78 -2.90 -48.34
CA ARG J 174 20.11 -4.17 -48.11
C ARG J 174 21.15 -5.25 -47.82
N ASP J 175 22.25 -5.24 -48.57
CA ASP J 175 23.28 -6.25 -48.38
C ASP J 175 23.89 -6.21 -46.98
N VAL J 176 24.58 -5.13 -46.68
CA VAL J 176 25.25 -5.00 -45.39
C VAL J 176 24.31 -5.24 -44.24
N LEU J 177 23.06 -4.78 -44.37
CA LEU J 177 22.09 -4.97 -43.32
C LEU J 177 21.79 -6.44 -43.12
N SER J 178 21.50 -7.14 -44.21
CA SER J 178 21.21 -8.55 -44.10
C SER J 178 22.38 -9.26 -43.43
N LYS J 179 23.60 -8.77 -43.67
CA LYS J 179 24.78 -9.36 -43.06
C LYS J 179 24.97 -8.90 -41.62
N GLY J 180 23.96 -8.21 -41.09
CA GLY J 180 24.01 -7.74 -39.73
C GLY J 180 24.91 -6.58 -39.37
N PHE J 181 24.89 -5.51 -40.17
CA PHE J 181 25.71 -4.35 -39.87
C PHE J 181 24.87 -3.16 -39.43
N GLU J 182 25.48 -2.23 -38.70
CA GLU J 182 24.76 -1.08 -38.19
C GLU J 182 24.21 -0.19 -39.32
N GLY J 183 24.94 -0.12 -40.41
CA GLY J 183 24.49 0.72 -41.52
C GLY J 183 25.57 0.73 -42.57
N VAL J 184 25.71 1.85 -43.27
CA VAL J 184 26.73 1.95 -44.33
C VAL J 184 27.45 3.28 -44.30
N MET J 185 28.76 3.26 -44.52
CA MET J 185 29.55 4.49 -44.50
C MET J 185 29.83 4.95 -45.94
N ILE J 186 29.40 6.17 -46.28
CA ILE J 186 29.60 6.67 -47.64
C ILE J 186 30.70 7.71 -47.67
N ARG J 187 31.68 7.51 -48.55
CA ARG J 187 32.80 8.44 -48.66
C ARG J 187 33.00 8.94 -50.08
N LYS J 188 33.68 10.08 -50.20
CA LYS J 188 33.99 10.66 -51.51
C LYS J 188 35.33 10.04 -51.93
N PRO J 189 35.40 9.48 -53.15
CA PRO J 189 36.63 8.85 -53.64
C PRO J 189 37.89 9.64 -53.36
N ASP J 190 37.88 10.91 -53.74
CA ASP J 190 39.05 11.74 -53.55
C ASP J 190 39.14 12.31 -52.14
N GLY J 191 38.08 12.15 -51.36
CA GLY J 191 38.09 12.69 -50.01
C GLY J 191 39.39 12.57 -49.23
N LYS J 192 39.62 13.53 -48.34
CA LYS J 192 40.81 13.57 -47.51
C LYS J 192 40.49 13.02 -46.13
N TYR J 193 41.52 12.88 -45.28
CA TYR J 193 41.29 12.41 -43.94
C TYR J 193 41.12 13.66 -43.09
N LYS J 194 39.94 14.28 -43.15
CA LYS J 194 39.69 15.48 -42.38
C LYS J 194 39.84 15.27 -40.87
N PHE J 195 40.56 16.17 -40.21
CA PHE J 195 40.77 16.07 -38.77
C PHE J 195 39.54 16.68 -38.10
N GLY J 196 38.41 16.00 -38.23
CA GLY J 196 37.18 16.52 -37.64
C GLY J 196 35.97 15.83 -38.24
N ARG J 197 34.78 16.26 -37.86
CA ARG J 197 33.58 15.66 -38.40
C ARG J 197 33.23 16.27 -39.75
N SER J 198 33.18 15.41 -40.77
CA SER J 198 32.84 15.82 -42.12
C SER J 198 31.51 16.55 -42.14
N THR J 199 31.28 17.38 -43.14
CA THR J 199 30.00 18.06 -43.23
C THR J 199 29.22 17.35 -44.32
N LEU J 200 27.92 17.63 -44.38
CA LEU J 200 27.11 17.00 -45.40
C LEU J 200 27.67 17.35 -46.78
N LYS J 201 27.72 18.65 -47.08
CA LYS J 201 28.22 19.12 -48.37
C LYS J 201 29.60 18.56 -48.71
N GLU J 202 30.52 18.59 -47.75
CA GLU J 202 31.85 18.07 -48.00
C GLU J 202 31.76 16.67 -48.56
N GLY J 203 30.86 15.88 -48.01
CA GLY J 203 30.69 14.52 -48.48
C GLY J 203 31.97 13.70 -48.39
N ILE J 204 32.72 13.90 -47.31
CA ILE J 204 33.96 13.14 -47.13
C ILE J 204 33.59 11.80 -46.52
N LEU J 205 32.77 11.84 -45.47
CA LEU J 205 32.33 10.63 -44.80
C LEU J 205 30.93 10.85 -44.29
N LEU J 206 30.01 10.00 -44.75
CA LEU J 206 28.62 10.08 -44.32
C LEU J 206 28.20 8.77 -43.68
N LYS J 207 27.36 8.87 -42.66
CA LYS J 207 26.83 7.70 -41.94
C LYS J 207 25.36 7.52 -42.34
N MET J 208 25.04 6.33 -42.82
CA MET J 208 23.69 6.01 -43.25
C MET J 208 23.06 4.95 -42.38
N LYS J 209 22.18 5.39 -41.48
CA LYS J 209 21.52 4.50 -40.56
C LYS J 209 20.01 4.68 -40.72
N GLN J 210 19.28 3.57 -40.64
CA GLN J 210 17.81 3.58 -40.80
C GLN J 210 17.06 3.48 -39.46
N PHE J 211 16.57 4.61 -38.95
CA PHE J 211 15.83 4.62 -37.70
C PHE J 211 14.42 4.10 -37.91
N LYS J 212 13.68 3.92 -36.82
CA LYS J 212 12.31 3.42 -36.89
C LYS J 212 11.38 4.32 -36.09
N ASP J 213 10.20 4.60 -36.66
CA ASP J 213 9.20 5.42 -36.01
C ASP J 213 8.34 4.65 -35.03
N ALA J 214 7.73 5.35 -34.09
CA ALA J 214 6.89 4.72 -33.09
C ALA J 214 6.23 5.79 -32.24
N GLU J 215 5.54 5.36 -31.18
CA GLU J 215 4.88 6.31 -30.29
C GLU J 215 4.88 5.75 -28.85
N ALA J 216 4.87 6.65 -27.88
CA ALA J 216 4.87 6.26 -26.48
C ALA J 216 4.00 7.26 -25.75
N THR J 217 3.72 6.96 -24.49
CA THR J 217 2.87 7.83 -23.71
C THR J 217 3.67 8.50 -22.61
N ILE J 218 3.64 9.83 -22.57
CA ILE J 218 4.36 10.57 -21.56
C ILE J 218 3.81 10.21 -20.19
N ILE J 219 4.69 9.99 -19.21
CA ILE J 219 4.21 9.66 -17.88
C ILE J 219 4.81 10.58 -16.81
N SER J 220 5.84 11.33 -17.19
CA SER J 220 6.51 12.24 -16.27
C SER J 220 7.56 13.06 -16.99
N MET J 221 8.05 14.10 -16.30
CA MET J 221 9.07 14.95 -16.88
C MET J 221 10.22 15.18 -15.91
N THR J 222 11.34 15.66 -16.43
CA THR J 222 12.51 15.97 -15.64
C THR J 222 13.09 17.33 -16.05
N ALA J 223 13.53 18.10 -15.06
CA ALA J 223 14.09 19.41 -15.32
C ALA J 223 15.44 19.37 -16.05
N LEU J 224 15.74 20.47 -16.74
CA LEU J 224 16.97 20.64 -17.49
C LEU J 224 18.03 21.00 -16.45
N PHE J 225 19.26 20.59 -16.67
CA PHE J 225 20.33 20.92 -15.74
C PHE J 225 21.57 21.50 -16.40
N LYS J 226 21.91 22.73 -16.00
CA LYS J 226 23.08 23.42 -16.54
C LYS J 226 24.31 22.94 -15.79
N ASN J 227 25.28 22.41 -16.54
CA ASN J 227 26.50 21.92 -15.93
C ASN J 227 27.49 23.04 -15.69
N THR J 228 27.44 23.62 -14.50
CA THR J 228 28.32 24.72 -14.16
C THR J 228 29.70 24.29 -13.68
N ASN J 229 30.08 23.05 -13.95
CA ASN J 229 31.39 22.59 -13.51
C ASN J 229 32.47 23.40 -14.21
N THR J 230 33.60 23.58 -13.54
CA THR J 230 34.71 24.34 -14.08
C THR J 230 35.09 23.90 -15.49
N LYS J 231 35.13 24.88 -16.39
CA LYS J 231 35.46 24.66 -17.79
C LYS J 231 36.95 24.49 -18.02
N THR J 232 37.34 23.43 -18.73
CA THR J 232 38.75 23.19 -19.01
C THR J 232 38.96 22.80 -20.45
N LYS J 233 40.07 22.15 -20.75
CA LYS J 233 40.37 21.72 -22.12
C LYS J 233 40.52 20.22 -22.19
N ASP J 234 40.46 19.67 -23.39
CA ASP J 234 40.59 18.23 -23.54
C ASP J 234 41.70 17.86 -24.51
N ASN J 235 41.89 16.56 -24.70
CA ASN J 235 42.93 16.06 -25.61
C ASN J 235 43.05 16.82 -26.91
N PHE J 236 41.98 17.46 -27.34
CA PHE J 236 42.01 18.18 -28.61
C PHE J 236 41.95 19.70 -28.42
N GLY J 237 41.64 20.14 -27.21
CA GLY J 237 41.58 21.57 -26.98
C GLY J 237 40.16 22.10 -26.95
N TYR J 238 39.19 21.19 -26.87
CA TYR J 238 37.79 21.58 -26.83
C TYR J 238 37.30 21.73 -25.39
N SER J 239 36.30 22.58 -25.21
CA SER J 239 35.72 22.82 -23.90
C SER J 239 35.33 21.50 -23.23
N LYS J 240 35.81 21.30 -22.01
CA LYS J 240 35.52 20.08 -21.27
C LYS J 240 35.09 20.44 -19.86
N ARG J 241 33.98 19.88 -19.39
CA ARG J 241 33.51 20.17 -18.05
C ARG J 241 33.18 18.87 -17.34
N SER J 242 33.41 18.85 -16.03
CA SER J 242 33.12 17.67 -15.24
C SER J 242 31.62 17.44 -15.16
N THR J 243 31.22 16.32 -14.57
CA THR J 243 29.80 16.01 -14.46
C THR J 243 29.32 15.82 -13.02
N HIS J 244 30.06 16.41 -12.08
CA HIS J 244 29.72 16.30 -10.66
C HIS J 244 28.39 16.96 -10.38
N LYS J 245 27.49 16.24 -9.71
CA LYS J 245 26.16 16.77 -9.43
C LYS J 245 26.27 18.08 -8.68
N SER J 246 27.42 18.32 -8.07
CA SER J 246 27.66 19.54 -7.32
C SER J 246 27.40 20.77 -8.18
N GLY J 247 28.03 20.80 -9.35
CA GLY J 247 27.88 21.92 -10.25
C GLY J 247 26.76 21.76 -11.26
N LYS J 248 25.64 21.18 -10.81
CA LYS J 248 24.47 20.97 -11.66
C LYS J 248 23.30 21.82 -11.19
N VAL J 249 23.14 22.99 -11.79
CA VAL J 249 22.04 23.85 -11.40
C VAL J 249 20.79 23.50 -12.20
N GLU J 250 19.68 23.33 -11.49
CA GLU J 250 18.42 22.98 -12.11
C GLU J 250 17.80 24.15 -12.84
N GLU J 251 17.56 23.97 -14.14
CA GLU J 251 16.94 25.00 -14.96
C GLU J 251 15.42 24.86 -14.85
N ASP J 252 14.72 25.94 -15.14
CA ASP J 252 13.26 25.91 -15.06
C ASP J 252 12.61 25.53 -16.38
N VAL J 253 13.11 24.46 -16.98
CA VAL J 253 12.58 23.96 -18.25
C VAL J 253 12.81 22.46 -18.34
N MET J 254 12.01 21.80 -19.17
CA MET J 254 12.12 20.37 -19.34
C MET J 254 13.45 19.94 -19.92
N GLY J 255 13.97 18.81 -19.45
CA GLY J 255 15.24 18.31 -19.94
C GLY J 255 15.09 16.97 -20.61
N SER J 256 14.14 16.19 -20.10
CA SER J 256 13.84 14.87 -20.64
C SER J 256 12.45 14.47 -20.19
N ILE J 257 11.90 13.46 -20.85
CA ILE J 257 10.57 12.98 -20.50
C ILE J 257 10.49 11.48 -20.49
N GLU J 258 10.05 10.91 -19.36
CA GLU J 258 9.91 9.46 -19.22
C GLU J 258 8.64 9.10 -19.99
N VAL J 259 8.68 8.02 -20.77
CA VAL J 259 7.51 7.59 -21.53
C VAL J 259 7.30 6.08 -21.53
N ASP J 260 6.06 5.66 -21.79
CA ASP J 260 5.72 4.23 -21.82
C ASP J 260 5.45 3.81 -23.26
N TYR J 261 6.40 3.09 -23.83
CA TYR J 261 6.29 2.60 -25.22
C TYR J 261 5.73 1.19 -25.20
N ASP J 262 4.41 1.11 -25.18
CA ASP J 262 3.71 -0.15 -25.16
C ASP J 262 4.34 -1.13 -24.19
N GLY J 263 4.44 -0.72 -22.93
CA GLY J 263 5.02 -1.59 -21.92
C GLY J 263 6.36 -1.18 -21.39
N VAL J 264 7.31 -0.91 -22.29
CA VAL J 264 8.65 -0.52 -21.90
C VAL J 264 8.71 0.97 -21.53
N VAL J 265 9.55 1.28 -20.55
CA VAL J 265 9.71 2.65 -20.10
C VAL J 265 11.15 3.11 -20.25
N PHE J 266 11.30 4.33 -20.77
CA PHE J 266 12.61 4.94 -20.97
C PHE J 266 12.44 6.43 -21.20
N SER J 267 13.54 7.15 -21.14
CA SER J 267 13.49 8.59 -21.29
C SER J 267 13.87 9.08 -22.69
N ILE J 268 13.39 10.28 -23.00
CA ILE J 268 13.69 10.94 -24.26
C ILE J 268 14.02 12.37 -23.91
N GLY J 269 15.24 12.81 -24.24
CA GLY J 269 15.65 14.18 -23.88
C GLY J 269 16.31 14.99 -24.97
N THR J 270 16.43 14.42 -26.15
CA THR J 270 17.02 15.11 -27.27
C THR J 270 15.90 15.29 -28.29
N GLY J 271 16.11 16.16 -29.26
CA GLY J 271 15.08 16.36 -30.28
C GLY J 271 14.16 17.52 -29.95
N PHE J 272 14.39 18.16 -28.81
CA PHE J 272 13.60 19.31 -28.38
C PHE J 272 14.33 20.63 -28.60
N ASP J 273 13.59 21.68 -28.93
CA ASP J 273 14.21 22.98 -29.13
C ASP J 273 13.91 23.86 -27.93
N ALA J 274 14.61 24.98 -27.86
CA ALA J 274 14.45 25.90 -26.75
C ALA J 274 13.00 26.11 -26.33
N ASP J 275 12.19 26.60 -27.27
CA ASP J 275 10.78 26.86 -26.99
C ASP J 275 10.00 25.62 -26.55
N GLN J 276 10.31 24.47 -27.13
CA GLN J 276 9.61 23.25 -26.76
C GLN J 276 9.86 22.91 -25.31
N ARG J 277 11.13 22.88 -24.92
CA ARG J 277 11.52 22.55 -23.55
C ARG J 277 10.82 23.49 -22.59
N ARG J 278 10.63 24.72 -23.05
CA ARG J 278 9.96 25.76 -22.26
C ARG J 278 8.50 25.38 -22.06
N ASP J 279 7.81 25.11 -23.15
CA ASP J 279 6.41 24.73 -23.10
C ASP J 279 6.20 23.47 -22.28
N PHE J 280 6.79 22.37 -22.74
CA PHE J 280 6.67 21.08 -22.06
C PHE J 280 6.78 21.20 -20.53
N TRP J 281 7.74 21.97 -20.05
CA TRP J 281 7.91 22.13 -18.62
C TRP J 281 6.81 23.02 -18.07
N GLN J 282 6.48 24.07 -18.81
CA GLN J 282 5.42 25.01 -18.43
C GLN J 282 4.11 24.29 -18.20
N ASN J 283 3.86 23.25 -18.96
CA ASN J 283 2.64 22.47 -18.85
C ASN J 283 2.94 21.01 -18.54
N LYS J 284 3.93 20.79 -17.67
CA LYS J 284 4.31 19.44 -17.30
C LYS J 284 3.10 18.61 -16.86
N GLU J 285 2.24 19.22 -16.05
CA GLU J 285 1.06 18.51 -15.55
C GLU J 285 0.02 18.17 -16.61
N SER J 286 -0.29 19.14 -17.47
CA SER J 286 -1.29 18.93 -18.50
C SER J 286 -0.73 18.25 -19.74
N TYR J 287 0.51 17.80 -19.68
CA TYR J 287 1.11 17.13 -20.81
C TYR J 287 1.15 15.62 -20.61
N ILE J 288 1.14 15.20 -19.35
CA ILE J 288 1.19 13.79 -19.01
C ILE J 288 0.03 13.10 -19.71
N GLY J 289 0.22 11.84 -20.08
CA GLY J 289 -0.85 11.12 -20.74
C GLY J 289 -0.89 11.31 -22.24
N LYS J 290 -0.32 12.39 -22.74
CA LYS J 290 -0.31 12.63 -24.18
C LYS J 290 0.61 11.67 -24.94
N MET J 291 0.33 11.49 -26.22
CA MET J 291 1.10 10.58 -27.05
C MET J 291 2.11 11.37 -27.88
N VAL J 292 3.35 10.91 -27.91
CA VAL J 292 4.37 11.61 -28.70
C VAL J 292 5.07 10.66 -29.61
N LYS J 293 5.44 11.16 -30.79
CA LYS J 293 6.15 10.37 -31.79
C LYS J 293 7.65 10.47 -31.53
N PHE J 294 8.40 9.49 -32.00
CA PHE J 294 9.84 9.49 -31.78
C PHE J 294 10.46 8.41 -32.63
N LYS J 295 11.73 8.56 -32.94
CA LYS J 295 12.40 7.55 -33.74
C LYS J 295 13.51 6.92 -32.90
N TYR J 296 13.97 5.74 -33.31
CA TYR J 296 15.02 5.06 -32.58
C TYR J 296 15.66 3.95 -33.41
N PHE J 297 16.82 3.48 -32.97
CA PHE J 297 17.51 2.43 -33.67
C PHE J 297 17.30 1.12 -32.91
N GLU J 298 16.88 0.07 -33.59
CA GLU J 298 16.65 -1.18 -32.89
C GLU J 298 17.91 -1.92 -32.47
N MET J 299 18.87 -2.01 -33.38
CA MET J 299 20.14 -2.71 -33.09
C MET J 299 20.92 -2.05 -31.97
N GLY J 300 21.33 -2.86 -30.99
CA GLY J 300 22.09 -2.34 -29.87
C GLY J 300 21.22 -2.14 -28.62
N SER J 301 19.91 -2.07 -28.82
CA SER J 301 18.95 -1.89 -27.72
C SER J 301 18.95 -3.11 -26.79
N LYS J 302 19.30 -2.90 -25.53
CA LYS J 302 19.33 -3.99 -24.57
C LYS J 302 17.96 -4.18 -23.93
N ASP J 303 17.47 -3.15 -23.26
CA ASP J 303 16.17 -3.21 -22.60
C ASP J 303 15.20 -2.14 -23.06
N CYS J 304 15.70 -1.16 -23.79
CA CYS J 304 14.90 -0.06 -24.31
C CYS J 304 15.49 0.44 -25.61
N PRO J 305 14.77 1.30 -26.33
CA PRO J 305 15.22 1.85 -27.61
C PRO J 305 16.59 2.51 -27.55
N ARG J 306 17.35 2.38 -28.64
CA ARG J 306 18.66 3.01 -28.71
C ARG J 306 18.60 4.33 -29.46
N PHE J 307 19.27 5.35 -28.94
CA PHE J 307 19.29 6.64 -29.61
C PHE J 307 17.87 7.17 -29.76
N PRO J 308 17.07 7.14 -28.69
CA PRO J 308 15.71 7.65 -28.81
C PRO J 308 15.71 9.15 -29.12
N VAL J 309 14.99 9.53 -30.15
CA VAL J 309 14.91 10.92 -30.54
C VAL J 309 13.47 11.37 -30.68
N PHE J 310 13.11 12.45 -30.00
CA PHE J 310 11.75 12.96 -30.06
C PHE J 310 11.51 13.60 -31.40
N ILE J 311 10.29 13.46 -31.90
CA ILE J 311 9.92 14.03 -33.19
C ILE J 311 8.77 15.05 -33.09
N GLY J 312 7.68 14.68 -32.41
CA GLY J 312 6.56 15.60 -32.28
C GLY J 312 5.45 15.01 -31.43
N ILE J 313 4.46 15.84 -31.09
CA ILE J 313 3.33 15.41 -30.28
C ILE J 313 2.21 14.86 -31.14
N ARG J 314 1.25 14.19 -30.52
CA ARG J 314 0.09 13.64 -31.22
C ARG J 314 0.48 12.56 -32.26
N MET K 22 12.85 1.55 -7.24
CA MET K 22 11.83 0.66 -7.86
C MET K 22 10.87 0.09 -6.80
N ALA K 23 11.14 0.38 -5.53
CA ALA K 23 10.30 -0.11 -4.46
C ALA K 23 8.98 0.68 -4.44
N ILE K 24 8.16 0.40 -3.44
CA ILE K 24 6.87 1.08 -3.29
C ILE K 24 6.93 1.98 -2.06
N THR K 25 6.95 3.29 -2.27
CA THR K 25 7.01 4.23 -1.16
C THR K 25 5.90 3.96 -0.16
N LYS K 26 4.67 3.93 -0.66
CA LYS K 26 3.50 3.67 0.17
C LYS K 26 2.47 2.97 -0.70
N PRO K 27 1.72 2.04 -0.12
CA PRO K 27 0.70 1.26 -0.83
C PRO K 27 -0.36 2.12 -1.48
N LEU K 28 -0.94 1.58 -2.56
CA LEU K 28 -1.99 2.21 -3.35
C LEU K 28 -3.32 2.12 -2.61
N LEU K 29 -4.04 3.22 -2.52
CA LEU K 29 -5.31 3.20 -1.82
C LEU K 29 -6.39 3.75 -2.71
N ALA K 30 -7.53 3.06 -2.72
CA ALA K 30 -8.67 3.45 -3.54
C ALA K 30 -9.56 4.49 -2.90
N ALA K 31 -10.31 5.19 -3.74
CA ALA K 31 -11.25 6.20 -3.29
C ALA K 31 -12.65 5.61 -3.30
N THR K 32 -13.47 6.10 -2.38
CA THR K 32 -14.82 5.61 -2.26
C THR K 32 -15.74 6.14 -3.34
N LEU K 33 -16.28 5.23 -4.15
CA LEU K 33 -17.20 5.60 -5.21
C LEU K 33 -18.59 5.80 -4.64
N GLU K 34 -19.20 6.95 -4.92
CA GLU K 34 -20.54 7.27 -4.42
C GLU K 34 -21.58 7.31 -5.55
N ASN K 35 -21.27 8.04 -6.61
CA ASN K 35 -22.18 8.14 -7.75
C ASN K 35 -21.70 7.27 -8.89
N ILE K 36 -22.51 6.29 -9.25
CA ILE K 36 -22.17 5.36 -10.32
C ILE K 36 -21.87 6.08 -11.62
N GLU K 37 -22.27 7.35 -11.69
CA GLU K 37 -22.05 8.16 -12.88
C GLU K 37 -20.61 8.63 -13.00
N ASP K 38 -19.89 8.69 -11.89
CA ASP K 38 -18.52 9.15 -11.92
C ASP K 38 -17.57 8.14 -12.53
N VAL K 39 -18.03 6.92 -12.77
CA VAL K 39 -17.17 5.89 -13.34
C VAL K 39 -16.88 6.15 -14.81
N GLN K 40 -15.61 6.14 -15.17
CA GLN K 40 -15.22 6.37 -16.56
C GLN K 40 -15.03 5.04 -17.26
N PHE K 41 -15.45 4.96 -18.51
CA PHE K 41 -15.31 3.72 -19.27
C PHE K 41 -14.46 3.93 -20.52
N PRO K 42 -13.80 2.87 -20.99
CA PRO K 42 -13.83 1.56 -20.37
C PRO K 42 -12.96 1.46 -19.13
N CYS K 43 -13.24 0.50 -18.26
CA CYS K 43 -12.46 0.32 -17.05
C CYS K 43 -12.35 -1.15 -16.73
N LEU K 44 -11.35 -1.48 -15.93
CA LEU K 44 -11.13 -2.86 -15.51
C LEU K 44 -11.55 -2.97 -14.05
N ALA K 45 -12.26 -4.05 -13.74
CA ALA K 45 -12.73 -4.27 -12.38
C ALA K 45 -12.36 -5.64 -11.87
N THR K 46 -12.34 -5.75 -10.54
CA THR K 46 -12.04 -7.00 -9.86
C THR K 46 -12.79 -7.01 -8.53
N PRO K 47 -12.87 -8.18 -7.90
CA PRO K 47 -13.57 -8.26 -6.63
C PRO K 47 -12.73 -7.72 -5.48
N LYS K 48 -13.38 -7.06 -4.53
CA LYS K 48 -12.69 -6.52 -3.39
C LYS K 48 -12.78 -7.53 -2.24
N ILE K 49 -11.64 -8.04 -1.79
CA ILE K 49 -11.59 -9.02 -0.70
C ILE K 49 -11.70 -8.37 0.68
N ASP K 50 -12.37 -9.04 1.62
CA ASP K 50 -12.52 -8.51 2.95
C ASP K 50 -11.43 -9.10 3.82
N GLY K 51 -10.21 -9.04 3.31
CA GLY K 51 -9.07 -9.57 4.04
C GLY K 51 -8.20 -8.45 4.57
N ILE K 52 -6.90 -8.72 4.68
CA ILE K 52 -5.95 -7.75 5.18
C ILE K 52 -4.89 -7.49 4.12
N ARG K 53 -4.71 -6.21 3.81
CA ARG K 53 -3.75 -5.76 2.80
C ARG K 53 -2.34 -6.12 3.21
N SER K 54 -1.54 -6.55 2.25
CA SER K 54 -0.16 -6.90 2.53
C SER K 54 0.71 -6.83 1.27
N VAL K 55 1.72 -5.97 1.29
CA VAL K 55 2.62 -5.81 0.15
C VAL K 55 3.95 -6.48 0.45
N LYS K 56 4.60 -7.03 -0.58
CA LYS K 56 5.90 -7.67 -0.39
C LYS K 56 7.07 -6.71 -0.71
N GLN K 57 7.81 -6.35 0.32
CA GLN K 57 8.95 -5.45 0.22
C GLN K 57 10.04 -6.17 1.03
N THR K 58 10.75 -7.08 0.37
CA THR K 58 11.78 -7.88 1.02
C THR K 58 11.04 -8.93 1.83
N GLN K 59 10.16 -8.46 2.71
CA GLN K 59 9.35 -9.36 3.51
C GLN K 59 7.88 -8.93 3.30
N MET K 60 6.96 -9.46 4.08
CA MET K 60 5.57 -9.08 3.91
C MET K 60 5.22 -7.94 4.86
N LEU K 61 4.73 -6.85 4.31
CA LEU K 61 4.37 -5.70 5.12
C LEU K 61 2.86 -5.47 5.12
N SER K 62 2.38 -4.73 6.11
CA SER K 62 0.96 -4.41 6.24
C SER K 62 0.67 -3.07 5.55
N ARG K 63 -0.60 -2.69 5.51
CA ARG K 63 -1.02 -1.44 4.89
C ARG K 63 -0.17 -0.26 5.35
N THR K 64 0.27 -0.31 6.59
CA THR K 64 1.08 0.74 7.16
C THR K 64 2.55 0.37 7.09
N PHE K 65 2.85 -0.54 6.19
CA PHE K 65 4.21 -0.98 5.96
C PHE K 65 4.93 -1.48 7.21
N LYS K 66 4.19 -2.18 8.06
CA LYS K 66 4.79 -2.77 9.24
C LYS K 66 4.86 -4.24 8.87
N PRO K 67 5.71 -5.01 9.52
CA PRO K 67 5.81 -6.43 9.17
C PRO K 67 4.64 -7.29 9.66
N ILE K 68 4.19 -8.20 8.81
CA ILE K 68 3.08 -9.07 9.18
C ILE K 68 3.44 -9.91 10.40
N ARG K 69 2.82 -9.62 11.54
CA ARG K 69 3.11 -10.36 12.77
C ARG K 69 3.29 -11.88 12.57
N ASN K 70 2.27 -12.53 12.02
CA ASN K 70 2.29 -13.98 11.78
C ASN K 70 3.46 -14.41 10.89
N SER K 71 4.58 -14.76 11.52
CA SER K 71 5.80 -15.16 10.83
C SER K 71 5.67 -16.28 9.81
N VAL K 72 4.85 -17.28 10.13
CA VAL K 72 4.63 -18.40 9.23
C VAL K 72 4.14 -17.89 7.88
N MET K 73 3.19 -16.97 7.91
CA MET K 73 2.65 -16.41 6.66
C MET K 73 3.75 -15.59 6.00
N ASN K 74 4.21 -14.58 6.73
CA ASN K 74 5.24 -13.67 6.25
C ASN K 74 6.33 -14.44 5.55
N ARG K 75 6.90 -15.39 6.27
CA ARG K 75 7.97 -16.22 5.76
C ARG K 75 7.49 -16.95 4.50
N LEU K 76 6.39 -17.66 4.61
CA LEU K 76 5.86 -18.42 3.46
C LEU K 76 5.63 -17.56 2.22
N LEU K 77 4.86 -16.50 2.39
CA LEU K 77 4.56 -15.60 1.27
C LEU K 77 5.81 -15.02 0.66
N THR K 78 6.82 -14.77 1.49
CA THR K 78 8.09 -14.21 1.02
C THR K 78 8.80 -15.15 0.06
N GLU K 79 8.58 -16.45 0.22
CA GLU K 79 9.19 -17.46 -0.64
C GLU K 79 8.46 -17.57 -1.97
N LEU K 80 7.13 -17.49 -1.91
CA LEU K 80 6.31 -17.62 -3.13
C LEU K 80 6.20 -16.33 -3.92
N LEU K 81 5.74 -15.27 -3.26
CA LEU K 81 5.54 -13.97 -3.90
C LEU K 81 6.81 -13.25 -4.30
N PRO K 82 6.86 -12.73 -5.52
CA PRO K 82 8.04 -12.01 -6.01
C PRO K 82 8.08 -10.58 -5.44
N GLU K 83 9.28 -10.06 -5.21
CA GLU K 83 9.45 -8.72 -4.69
C GLU K 83 8.51 -7.73 -5.38
N GLY K 84 7.72 -7.02 -4.59
CA GLY K 84 6.81 -6.03 -5.15
C GLY K 84 5.40 -6.54 -5.47
N SER K 85 4.90 -7.44 -4.63
CA SER K 85 3.57 -8.00 -4.81
C SER K 85 2.58 -7.32 -3.87
N ASP K 86 1.44 -6.91 -4.44
CA ASP K 86 0.41 -6.25 -3.67
C ASP K 86 -0.83 -7.14 -3.70
N GLY K 87 -1.44 -7.31 -2.53
CA GLY K 87 -2.63 -8.14 -2.43
C GLY K 87 -3.15 -8.19 -1.02
N GLU K 88 -4.07 -9.13 -0.77
CA GLU K 88 -4.66 -9.27 0.55
C GLU K 88 -4.67 -10.70 1.07
N ILE K 89 -4.41 -10.83 2.37
CA ILE K 89 -4.40 -12.11 3.04
C ILE K 89 -5.83 -12.34 3.55
N SER K 90 -6.36 -13.52 3.28
CA SER K 90 -7.72 -13.84 3.70
C SER K 90 -7.93 -15.32 3.92
N ILE K 91 -8.55 -15.66 5.05
CA ILE K 91 -8.85 -17.06 5.35
C ILE K 91 -10.18 -17.42 4.70
N GLU K 92 -10.14 -18.32 3.72
CA GLU K 92 -11.37 -18.74 3.04
C GLU K 92 -12.41 -19.30 4.01
N GLY K 93 -13.66 -18.94 3.78
CA GLY K 93 -14.73 -19.43 4.64
C GLY K 93 -14.79 -18.77 6.00
N ALA K 94 -13.63 -18.54 6.60
CA ALA K 94 -13.57 -17.92 7.93
C ALA K 94 -14.19 -16.55 7.99
N THR K 95 -14.47 -16.08 9.20
CA THR K 95 -15.05 -14.76 9.38
C THR K 95 -13.92 -13.75 9.33
N PHE K 96 -14.24 -12.47 9.32
CA PHE K 96 -13.22 -11.45 9.29
C PHE K 96 -12.42 -11.48 10.59
N GLN K 97 -13.16 -11.50 11.70
CA GLN K 97 -12.50 -11.54 12.99
C GLN K 97 -11.54 -12.73 13.05
N ASP K 98 -11.88 -13.81 12.38
CA ASP K 98 -10.99 -14.95 12.38
C ASP K 98 -9.71 -14.62 11.62
N THR K 99 -9.87 -14.14 10.40
CA THR K 99 -8.73 -13.81 9.58
C THR K 99 -7.87 -12.77 10.30
N THR K 100 -8.53 -11.83 10.95
CA THR K 100 -7.80 -10.79 11.68
C THR K 100 -6.80 -11.43 12.64
N SER K 101 -7.24 -12.44 13.36
CA SER K 101 -6.37 -13.13 14.32
C SER K 101 -5.28 -13.97 13.66
N ALA K 102 -5.62 -14.63 12.58
CA ALA K 102 -4.65 -15.47 11.90
C ALA K 102 -3.53 -14.66 11.26
N VAL K 103 -3.58 -13.34 11.37
CA VAL K 103 -2.57 -12.49 10.77
C VAL K 103 -1.95 -11.53 11.77
N MET K 104 -2.75 -11.08 12.73
CA MET K 104 -2.25 -10.13 13.72
C MET K 104 -1.57 -10.76 14.91
N THR K 105 -1.56 -12.10 14.95
CA THR K 105 -0.93 -12.83 16.04
C THR K 105 0.44 -13.38 15.68
N GLY K 106 1.39 -13.23 16.60
CA GLY K 106 2.74 -13.71 16.35
C GLY K 106 2.88 -15.22 16.46
N HIS K 107 2.23 -15.93 15.54
CA HIS K 107 2.30 -17.38 15.52
C HIS K 107 3.68 -17.93 15.22
N LYS K 108 4.10 -18.89 16.03
CA LYS K 108 5.39 -19.54 15.88
C LYS K 108 5.18 -20.64 14.84
N MET K 109 4.06 -21.33 14.98
CA MET K 109 3.70 -22.41 14.07
C MET K 109 2.23 -22.23 13.66
N TYR K 110 2.01 -22.03 12.36
CA TYR K 110 0.67 -21.85 11.82
C TYR K 110 0.44 -22.92 10.77
N ASN K 111 -0.41 -23.88 11.11
CA ASN K 111 -0.72 -25.01 10.25
C ASN K 111 -1.93 -24.77 9.34
N ALA K 112 -2.89 -23.99 9.82
CA ALA K 112 -4.11 -23.72 9.06
C ALA K 112 -3.83 -23.15 7.66
N LYS K 113 -4.79 -23.38 6.76
CA LYS K 113 -4.67 -22.90 5.38
C LYS K 113 -5.09 -21.44 5.30
N PHE K 114 -4.72 -20.78 4.22
CA PHE K 114 -5.07 -19.39 4.03
C PHE K 114 -4.72 -18.97 2.59
N SER K 115 -5.43 -17.97 2.10
CA SER K 115 -5.22 -17.52 0.74
C SER K 115 -4.66 -16.12 0.67
N TYR K 116 -4.11 -15.77 -0.50
CA TYR K 116 -3.55 -14.45 -0.74
C TYR K 116 -3.99 -13.96 -2.11
N TYR K 117 -4.85 -12.95 -2.16
CA TYR K 117 -5.30 -12.46 -3.46
C TYR K 117 -4.32 -11.45 -4.04
N TRP K 118 -3.57 -11.90 -5.04
CA TRP K 118 -2.55 -11.09 -5.70
C TRP K 118 -3.22 -10.21 -6.75
N PHE K 119 -3.27 -8.90 -6.51
CA PHE K 119 -3.95 -8.05 -7.47
C PHE K 119 -3.12 -6.97 -8.15
N ASP K 120 -1.88 -6.81 -7.74
CA ASP K 120 -1.02 -5.82 -8.35
C ASP K 120 0.42 -6.31 -8.27
N TYR K 121 1.28 -5.74 -9.12
CA TYR K 121 2.67 -6.15 -9.16
C TYR K 121 3.57 -5.05 -9.71
N VAL K 122 4.47 -4.55 -8.87
CA VAL K 122 5.38 -3.49 -9.27
C VAL K 122 6.79 -4.06 -9.43
N THR K 123 7.14 -4.37 -10.68
CA THR K 123 8.45 -4.92 -10.97
C THR K 123 9.53 -3.86 -10.91
N ASP K 124 9.37 -2.81 -11.74
CA ASP K 124 10.36 -1.74 -11.77
C ASP K 124 9.74 -0.34 -11.74
N ASP K 125 9.19 0.11 -12.86
CA ASP K 125 8.61 1.44 -12.91
C ASP K 125 7.15 1.47 -12.45
N PRO K 126 6.85 2.19 -11.36
CA PRO K 126 5.51 2.31 -10.80
C PRO K 126 4.61 3.15 -11.66
N LEU K 127 5.05 3.42 -12.89
CA LEU K 127 4.25 4.22 -13.80
C LEU K 127 3.74 3.38 -14.95
N LYS K 128 3.99 2.08 -14.90
CA LYS K 128 3.54 1.17 -15.93
C LYS K 128 2.03 0.94 -15.82
N LYS K 129 1.30 1.11 -16.91
CA LYS K 129 -0.15 0.93 -16.93
C LYS K 129 -0.60 -0.34 -16.22
N TYR K 130 -1.70 -0.23 -15.46
CA TYR K 130 -2.26 -1.34 -14.73
C TYR K 130 -2.32 -2.60 -15.58
N ILE K 131 -2.90 -2.50 -16.77
CA ILE K 131 -3.00 -3.66 -17.65
C ILE K 131 -1.66 -4.34 -17.80
N ASP K 132 -0.64 -3.53 -18.01
CA ASP K 132 0.72 -4.04 -18.19
C ASP K 132 1.24 -4.67 -16.89
N ARG K 133 0.96 -4.03 -15.76
CA ARG K 133 1.40 -4.57 -14.48
C ARG K 133 0.75 -5.94 -14.26
N VAL K 134 -0.48 -6.08 -14.74
CA VAL K 134 -1.19 -7.33 -14.62
C VAL K 134 -0.48 -8.33 -15.49
N GLU K 135 -0.16 -7.90 -16.71
CA GLU K 135 0.54 -8.75 -17.66
C GLU K 135 1.81 -9.27 -17.01
N ASP K 136 2.54 -8.38 -16.34
CA ASP K 136 3.77 -8.78 -15.68
C ASP K 136 3.45 -9.85 -14.64
N MET K 137 2.29 -9.74 -14.01
CA MET K 137 1.88 -10.68 -13.00
C MET K 137 1.55 -12.01 -13.66
N LYS K 138 0.84 -11.96 -14.77
CA LYS K 138 0.44 -13.17 -15.48
C LYS K 138 1.68 -13.92 -15.94
N ASN K 139 2.64 -13.17 -16.47
CA ASN K 139 3.87 -13.76 -16.98
C ASN K 139 4.62 -14.49 -15.88
N TYR K 140 4.81 -13.81 -14.75
CA TYR K 140 5.52 -14.42 -13.65
C TYR K 140 4.93 -15.78 -13.34
N ILE K 141 3.61 -15.89 -13.43
CA ILE K 141 2.92 -17.14 -13.14
C ILE K 141 3.30 -18.22 -14.13
N THR K 142 3.27 -17.87 -15.40
CA THR K 142 3.61 -18.83 -16.44
C THR K 142 4.96 -19.44 -16.15
N VAL K 143 5.87 -18.61 -15.65
CA VAL K 143 7.23 -19.05 -15.34
C VAL K 143 7.33 -19.80 -14.02
N HIS K 144 6.41 -19.54 -13.10
CA HIS K 144 6.45 -20.20 -11.80
C HIS K 144 5.06 -20.76 -11.42
N PRO K 145 4.51 -21.64 -12.26
CA PRO K 145 3.20 -22.23 -12.01
C PRO K 145 3.02 -22.81 -10.61
N HIS K 146 4.11 -23.30 -10.02
CA HIS K 146 4.06 -23.91 -8.70
C HIS K 146 3.48 -23.03 -7.60
N ILE K 147 3.59 -21.71 -7.74
CA ILE K 147 3.08 -20.81 -6.72
C ILE K 147 1.59 -20.97 -6.46
N LEU K 148 0.84 -21.17 -7.53
CA LEU K 148 -0.59 -21.33 -7.41
C LEU K 148 -0.93 -22.75 -7.01
N GLU K 149 0.08 -23.53 -6.61
CA GLU K 149 -0.12 -24.93 -6.25
C GLU K 149 0.34 -25.28 -4.84
N HIS K 150 0.79 -24.29 -4.10
CA HIS K 150 1.26 -24.58 -2.75
C HIS K 150 0.22 -25.34 -1.95
N ALA K 151 0.68 -26.27 -1.15
CA ALA K 151 -0.20 -27.09 -0.34
C ALA K 151 -0.99 -26.32 0.72
N GLN K 152 -0.37 -25.28 1.28
CA GLN K 152 -1.02 -24.51 2.32
C GLN K 152 -1.55 -23.16 1.82
N VAL K 153 -0.63 -22.31 1.38
CA VAL K 153 -0.96 -20.98 0.90
C VAL K 153 -1.51 -21.01 -0.52
N LYS K 154 -2.74 -20.58 -0.70
CA LYS K 154 -3.33 -20.57 -2.02
C LYS K 154 -3.26 -19.15 -2.60
N ILE K 155 -2.39 -18.96 -3.59
CA ILE K 155 -2.25 -17.66 -4.22
C ILE K 155 -3.27 -17.49 -5.32
N ILE K 156 -4.07 -16.42 -5.22
CA ILE K 156 -5.13 -16.16 -6.19
C ILE K 156 -4.93 -14.84 -6.96
N PRO K 157 -4.55 -14.96 -8.24
CA PRO K 157 -4.32 -13.78 -9.08
C PRO K 157 -5.65 -13.14 -9.44
N LEU K 158 -5.79 -11.84 -9.16
CA LEU K 158 -7.01 -11.16 -9.51
C LEU K 158 -6.87 -10.42 -10.84
N ILE K 159 -7.07 -11.15 -11.93
CA ILE K 159 -6.98 -10.57 -13.29
C ILE K 159 -8.26 -9.79 -13.53
N PRO K 160 -8.14 -8.48 -13.78
CA PRO K 160 -9.31 -7.63 -14.02
C PRO K 160 -10.21 -8.05 -15.15
N VAL K 161 -11.44 -7.55 -15.13
CA VAL K 161 -12.42 -7.82 -16.17
C VAL K 161 -12.73 -6.49 -16.85
N GLU K 162 -12.91 -6.53 -18.16
CA GLU K 162 -13.17 -5.29 -18.89
C GLU K 162 -14.63 -4.88 -18.82
N ILE K 163 -14.90 -3.72 -18.25
CA ILE K 163 -16.27 -3.22 -18.14
C ILE K 163 -16.42 -2.04 -19.08
N ASN K 164 -17.45 -2.08 -19.94
CA ASN K 164 -17.65 -1.00 -20.90
C ASN K 164 -18.76 0.00 -20.63
N ASN K 165 -19.65 -0.28 -19.67
CA ASN K 165 -20.73 0.65 -19.34
C ASN K 165 -21.46 0.30 -18.05
N ILE K 166 -22.10 1.31 -17.45
CA ILE K 166 -22.81 1.14 -16.19
C ILE K 166 -23.52 -0.21 -16.09
N THR K 167 -24.17 -0.60 -17.19
CA THR K 167 -24.89 -1.88 -17.22
C THR K 167 -23.95 -3.02 -16.88
N GLU K 168 -22.91 -3.19 -17.68
CA GLU K 168 -21.96 -4.27 -17.42
C GLU K 168 -21.44 -4.21 -15.99
N LEU K 169 -21.11 -3.00 -15.52
CA LEU K 169 -20.59 -2.85 -14.18
C LEU K 169 -21.59 -3.46 -13.21
N LEU K 170 -22.79 -2.90 -13.19
CA LEU K 170 -23.83 -3.38 -12.31
C LEU K 170 -23.96 -4.89 -12.37
N GLN K 171 -23.79 -5.43 -13.56
CA GLN K 171 -23.87 -6.87 -13.72
C GLN K 171 -22.73 -7.52 -12.93
N TYR K 172 -21.53 -6.98 -13.10
CA TYR K 172 -20.34 -7.49 -12.41
C TYR K 172 -20.54 -7.44 -10.89
N GLU K 173 -21.11 -6.33 -10.40
CA GLU K 173 -21.34 -6.19 -8.97
C GLU K 173 -22.22 -7.35 -8.49
N ARG K 174 -23.28 -7.64 -9.24
CA ARG K 174 -24.18 -8.73 -8.88
C ARG K 174 -23.38 -10.02 -8.79
N ASP K 175 -22.49 -10.21 -9.74
CA ASP K 175 -21.69 -11.42 -9.76
C ASP K 175 -20.82 -11.58 -8.52
N VAL K 176 -19.84 -10.70 -8.37
CA VAL K 176 -18.92 -10.77 -7.25
C VAL K 176 -19.65 -10.87 -5.92
N LEU K 177 -20.74 -10.13 -5.80
CA LEU K 177 -21.50 -10.16 -4.56
C LEU K 177 -22.08 -11.54 -4.31
N SER K 178 -22.73 -12.12 -5.31
CA SER K 178 -23.31 -13.42 -5.14
C SER K 178 -22.21 -14.40 -4.75
N LYS K 179 -20.99 -14.17 -5.23
CA LYS K 179 -19.88 -15.05 -4.88
C LYS K 179 -19.31 -14.70 -3.51
N GLY K 180 -20.00 -13.81 -2.81
CA GLY K 180 -19.57 -13.44 -1.47
C GLY K 180 -18.37 -12.54 -1.31
N PHE K 181 -18.33 -11.44 -2.07
CA PHE K 181 -17.22 -10.52 -1.95
C PHE K 181 -17.68 -9.19 -1.35
N GLU K 182 -16.74 -8.44 -0.76
CA GLU K 182 -17.07 -7.18 -0.11
C GLU K 182 -17.61 -6.17 -1.09
N GLY K 183 -17.11 -6.20 -2.32
CA GLY K 183 -17.58 -5.25 -3.30
C GLY K 183 -16.75 -5.40 -4.54
N VAL K 184 -16.52 -4.32 -5.26
CA VAL K 184 -15.73 -4.38 -6.49
C VAL K 184 -14.74 -3.23 -6.59
N MET K 185 -13.54 -3.53 -7.08
CA MET K 185 -12.51 -2.51 -7.23
C MET K 185 -12.44 -2.05 -8.69
N ILE K 186 -12.65 -0.76 -8.94
CA ILE K 186 -12.62 -0.24 -10.31
C ILE K 186 -11.34 0.53 -10.59
N ARG K 187 -10.61 0.13 -11.63
CA ARG K 187 -9.35 0.79 -12.00
C ARG K 187 -9.32 1.31 -13.43
N LYS K 188 -8.44 2.28 -13.67
CA LYS K 188 -8.28 2.84 -15.01
C LYS K 188 -7.24 1.96 -15.72
N PRO K 189 -7.56 1.45 -16.91
CA PRO K 189 -6.63 0.60 -17.65
C PRO K 189 -5.19 1.07 -17.63
N ASP K 190 -4.98 2.33 -18.01
CA ASP K 190 -3.64 2.90 -18.05
C ASP K 190 -3.15 3.38 -16.71
N GLY K 191 -4.02 3.40 -15.71
CA GLY K 191 -3.63 3.86 -14.39
C GLY K 191 -2.26 3.42 -13.91
N LYS K 192 -1.64 4.27 -13.09
CA LYS K 192 -0.34 3.99 -12.51
C LYS K 192 -0.48 3.46 -11.10
N TYR K 193 0.63 3.07 -10.48
CA TYR K 193 0.59 2.59 -9.12
C TYR K 193 0.90 3.80 -8.26
N LYS K 194 -0.09 4.66 -8.07
CA LYS K 194 0.09 5.85 -7.26
C LYS K 194 0.48 5.52 -5.82
N PHE K 195 1.50 6.21 -5.31
CA PHE K 195 1.97 6.00 -3.94
C PHE K 195 1.09 6.83 -3.02
N GLY K 196 -0.18 6.42 -2.91
CA GLY K 196 -1.12 7.13 -2.06
C GLY K 196 -2.57 6.79 -2.42
N ARG K 197 -3.52 7.45 -1.80
CA ARG K 197 -4.91 7.17 -2.09
C ARG K 197 -5.39 7.90 -3.34
N SER K 198 -5.83 7.13 -4.32
CA SER K 198 -6.32 7.69 -5.57
C SER K 198 -7.44 8.69 -5.33
N THR K 199 -7.68 9.59 -6.26
CA THR K 199 -8.76 10.53 -6.07
C THR K 199 -9.88 10.06 -6.99
N LEU K 200 -11.07 10.61 -6.79
CA LEU K 200 -12.20 10.24 -7.62
C LEU K 200 -11.87 10.52 -9.07
N LYS K 201 -11.55 11.78 -9.36
CA LYS K 201 -11.23 12.20 -10.72
C LYS K 201 -10.13 11.38 -11.34
N GLU K 202 -9.06 11.15 -10.60
CA GLU K 202 -7.95 10.37 -11.11
C GLU K 202 -8.46 9.05 -11.65
N GLY K 203 -9.40 8.46 -10.94
CA GLY K 203 -9.95 7.19 -11.35
C GLY K 203 -8.90 6.12 -11.51
N ILE K 204 -7.92 6.08 -10.62
CA ILE K 204 -6.88 5.07 -10.72
C ILE K 204 -7.39 3.81 -10.05
N LEU K 205 -7.95 3.97 -8.85
CA LEU K 205 -8.52 2.86 -8.11
C LEU K 205 -9.71 3.33 -7.30
N LEU K 206 -10.86 2.76 -7.59
CA LEU K 206 -12.10 3.09 -6.89
C LEU K 206 -12.69 1.88 -6.19
N LYS K 207 -13.23 2.11 -4.99
CA LYS K 207 -13.86 1.08 -4.18
C LYS K 207 -15.37 1.25 -4.25
N MET K 208 -16.05 0.19 -4.67
CA MET K 208 -17.50 0.20 -4.81
C MET K 208 -18.15 -0.75 -3.81
N LYS K 209 -18.71 -0.18 -2.76
CA LYS K 209 -19.36 -0.95 -1.72
C LYS K 209 -20.80 -0.44 -1.56
N GLN K 210 -21.72 -1.37 -1.34
CA GLN K 210 -23.15 -1.03 -1.18
C GLN K 210 -23.61 -1.04 0.28
N PHE K 211 -23.72 0.14 0.88
CA PHE K 211 -24.16 0.26 2.27
C PHE K 211 -25.67 0.10 2.35
N LYS K 212 -26.19 0.02 3.58
CA LYS K 212 -27.62 -0.14 3.78
C LYS K 212 -28.17 0.89 4.75
N ASP K 213 -29.34 1.44 4.43
CA ASP K 213 -29.97 2.45 5.27
C ASP K 213 -30.75 1.83 6.41
N ALA K 214 -30.96 2.62 7.45
CA ALA K 214 -31.69 2.15 8.62
C ALA K 214 -31.92 3.29 9.60
N GLU K 215 -32.47 2.98 10.77
CA GLU K 215 -32.72 4.00 11.79
C GLU K 215 -32.58 3.39 13.18
N ALA K 216 -32.16 4.22 14.12
CA ALA K 216 -31.96 3.78 15.51
C ALA K 216 -32.43 4.90 16.41
N THR K 217 -32.51 4.60 17.69
CA THR K 217 -32.97 5.58 18.65
C THR K 217 -31.84 6.02 19.57
N ILE K 218 -31.58 7.33 19.60
CA ILE K 218 -30.51 7.84 20.44
C ILE K 218 -30.86 7.55 21.90
N ILE K 219 -29.87 7.11 22.68
CA ILE K 219 -30.11 6.82 24.08
C ILE K 219 -29.12 7.52 24.99
N SER K 220 -28.05 8.04 24.42
CA SER K 220 -27.02 8.74 25.19
C SER K 220 -25.97 9.35 24.28
N MET K 221 -25.14 10.22 24.84
CA MET K 221 -24.09 10.85 24.06
C MET K 221 -22.75 10.78 24.77
N THR K 222 -21.68 11.04 24.00
CA THR K 222 -20.32 11.04 24.54
C THR K 222 -19.55 12.26 24.01
N ALA K 223 -18.75 12.85 24.88
CA ALA K 223 -17.97 14.02 24.53
C ALA K 223 -16.86 13.72 23.53
N LEU K 224 -16.46 14.76 22.80
CA LEU K 224 -15.40 14.68 21.80
C LEU K 224 -14.12 14.76 22.60
N PHE K 225 -13.07 14.10 22.11
CA PHE K 225 -11.79 14.13 22.81
C PHE K 225 -10.61 14.47 21.91
N LYS K 226 -9.91 15.56 22.26
CA LYS K 226 -8.77 15.99 21.49
C LYS K 226 -7.55 15.22 21.95
N ASN K 227 -6.89 14.53 21.02
CA ASN K 227 -5.71 13.75 21.36
C ASN K 227 -4.48 14.61 21.40
N THR K 228 -4.15 15.12 22.58
CA THR K 228 -2.99 15.97 22.74
C THR K 228 -1.69 15.23 22.93
N ASN K 229 -1.65 13.94 22.60
CA ASN K 229 -0.41 13.19 22.75
C ASN K 229 0.65 13.77 21.83
N THR K 230 1.91 13.64 22.24
CA THR K 230 3.03 14.14 21.46
C THR K 230 3.02 13.73 20.00
N LYS K 231 3.08 14.73 19.12
CA LYS K 231 3.05 14.52 17.68
C LYS K 231 4.40 14.05 17.15
N THR K 232 4.38 12.97 16.37
CA THR K 232 5.62 12.43 15.82
C THR K 232 5.43 12.07 14.35
N LYS K 233 6.29 11.20 13.82
CA LYS K 233 6.21 10.79 12.43
C LYS K 233 5.98 9.28 12.32
N ASP K 234 5.57 8.83 11.15
CA ASP K 234 5.34 7.40 10.99
C ASP K 234 6.10 6.85 9.80
N ASN K 235 5.97 5.55 9.57
CA ASN K 235 6.66 4.89 8.47
C ASN K 235 6.69 5.65 7.17
N PHE K 236 5.72 6.54 6.97
CA PHE K 236 5.66 7.29 5.72
C PHE K 236 5.98 8.78 5.91
N GLY K 237 6.05 9.22 7.16
CA GLY K 237 6.35 10.62 7.40
C GLY K 237 5.12 11.43 7.73
N TYR K 238 4.00 10.77 8.00
CA TYR K 238 2.77 11.46 8.35
C TYR K 238 2.62 11.63 9.85
N SER K 239 1.90 12.68 10.25
CA SER K 239 1.65 12.98 11.65
C SER K 239 1.12 11.76 12.39
N LYS K 240 1.78 11.38 13.48
CA LYS K 240 1.38 10.23 14.27
C LYS K 240 1.34 10.60 15.74
N ARG K 241 0.25 10.30 16.42
CA ARG K 241 0.15 10.62 17.82
C ARG K 241 -0.33 9.39 18.59
N SER K 242 0.14 9.25 19.83
CA SER K 242 -0.24 8.11 20.64
C SER K 242 -1.70 8.20 21.03
N THR K 243 -2.21 7.18 21.69
CA THR K 243 -3.61 7.18 22.09
C THR K 243 -3.82 7.06 23.59
N HIS K 244 -2.79 7.39 24.38
CA HIS K 244 -2.87 7.31 25.84
C HIS K 244 -3.95 8.24 26.37
N LYS K 245 -4.82 7.70 27.22
CA LYS K 245 -5.90 8.50 27.78
C LYS K 245 -5.36 9.72 28.49
N SER K 246 -4.08 9.66 28.85
CA SER K 246 -3.40 10.77 29.53
C SER K 246 -3.57 12.05 28.74
N GLY K 247 -3.17 11.99 27.47
CA GLY K 247 -3.26 13.16 26.62
C GLY K 247 -4.58 13.32 25.89
N LYS K 248 -5.67 12.95 26.56
CA LYS K 248 -7.00 13.06 25.97
C LYS K 248 -7.82 14.11 26.67
N VAL K 249 -7.84 15.32 26.12
CA VAL K 249 -8.62 16.40 26.72
C VAL K 249 -10.06 16.37 26.20
N GLU K 250 -11.01 16.43 27.12
CA GLU K 250 -12.42 16.39 26.78
C GLU K 250 -12.90 17.69 26.18
N GLU K 251 -13.41 17.64 24.95
CA GLU K 251 -13.94 18.82 24.29
C GLU K 251 -15.39 19.02 24.69
N ASP K 252 -15.87 20.24 24.57
CA ASP K 252 -17.24 20.53 24.95
C ASP K 252 -18.23 20.36 23.79
N VAL K 253 -18.12 19.23 23.09
CA VAL K 253 -18.99 18.92 21.98
C VAL K 253 -19.14 17.42 21.83
N MET K 254 -20.21 16.99 21.19
CA MET K 254 -20.47 15.57 21.00
C MET K 254 -19.42 14.88 20.15
N GLY K 255 -19.06 13.65 20.52
CA GLY K 255 -18.07 12.91 19.77
C GLY K 255 -18.67 11.67 19.14
N SER K 256 -19.65 11.11 19.82
CA SER K 256 -20.33 9.91 19.36
C SER K 256 -21.65 9.80 20.09
N ILE K 257 -22.54 8.97 19.57
CA ILE K 257 -23.84 8.78 20.19
C ILE K 257 -24.23 7.32 20.21
N GLU K 258 -24.58 6.82 21.40
CA GLU K 258 -25.00 5.44 21.56
C GLU K 258 -26.45 5.38 21.11
N VAL K 259 -26.80 4.36 20.32
CA VAL K 259 -28.17 4.23 19.83
C VAL K 259 -28.71 2.80 19.89
N ASP K 260 -30.03 2.67 19.87
CA ASP K 260 -30.66 1.35 19.90
C ASP K 260 -31.31 1.08 18.55
N TYR K 261 -30.69 0.20 17.78
CA TYR K 261 -31.19 -0.18 16.47
C TYR K 261 -32.04 -1.44 16.58
N ASP K 262 -33.32 -1.22 16.87
CA ASP K 262 -34.28 -2.29 17.03
C ASP K 262 -33.67 -3.43 17.83
N GLY K 263 -33.25 -3.11 19.05
CA GLY K 263 -32.70 -4.14 19.91
C GLY K 263 -31.21 -4.04 20.18
N VAL K 264 -30.43 -3.98 19.10
CA VAL K 264 -28.98 -3.89 19.22
C VAL K 264 -28.50 -2.49 19.55
N VAL K 265 -27.45 -2.42 20.34
CA VAL K 265 -26.89 -1.14 20.75
C VAL K 265 -25.45 -0.99 20.30
N PHE K 266 -25.12 0.19 19.78
CA PHE K 266 -23.77 0.50 19.30
C PHE K 266 -23.66 2.00 19.14
N SER K 267 -22.43 2.47 18.98
CA SER K 267 -22.20 3.90 18.82
C SER K 267 -22.00 4.39 17.38
N ILE K 268 -22.25 5.67 17.18
CA ILE K 268 -22.07 6.28 15.88
C ILE K 268 -21.36 7.59 16.15
N GLY K 269 -20.15 7.74 15.60
CA GLY K 269 -19.40 8.95 15.84
C GLY K 269 -18.83 9.68 14.63
N THR K 270 -19.08 9.14 13.45
CA THR K 270 -18.59 9.76 12.24
C THR K 270 -19.79 10.22 11.45
N GLY K 271 -19.57 11.09 10.47
CA GLY K 271 -20.67 11.57 9.66
C GLY K 271 -21.24 12.88 10.16
N PHE K 272 -20.67 13.39 11.25
CA PHE K 272 -21.11 14.65 11.85
C PHE K 272 -20.16 15.78 11.50
N ASP K 273 -20.69 16.98 11.30
CA ASP K 273 -19.85 18.11 10.97
C ASP K 273 -19.69 18.98 12.21
N ALA K 274 -18.76 19.93 12.15
CA ALA K 274 -18.50 20.81 13.27
C ALA K 274 -19.75 21.30 13.96
N ASP K 275 -20.59 22.02 13.23
CA ASP K 275 -21.83 22.56 13.78
C ASP K 275 -22.76 21.50 14.38
N GLN K 276 -22.83 20.33 13.77
CA GLN K 276 -23.70 19.29 14.28
C GLN K 276 -23.24 18.82 15.63
N ARG K 277 -21.96 18.48 15.74
CA ARG K 277 -21.37 18.02 17.00
C ARG K 277 -21.64 19.04 18.09
N ARG K 278 -21.66 20.30 17.69
CA ARG K 278 -21.89 21.43 18.59
C ARG K 278 -23.32 21.39 19.09
N ASP K 279 -24.27 21.32 18.17
CA ASP K 279 -25.67 21.28 18.52
C ASP K 279 -26.02 20.05 19.35
N PHE K 280 -25.77 18.87 18.78
CA PHE K 280 -26.06 17.61 19.48
C PHE K 280 -25.61 17.62 20.94
N TRP K 281 -24.42 18.13 21.21
CA TRP K 281 -23.93 18.19 22.57
C TRP K 281 -24.67 19.28 23.34
N GLN K 282 -24.91 20.40 22.68
CA GLN K 282 -25.62 21.53 23.26
C GLN K 282 -26.97 21.11 23.79
N ASN K 283 -27.61 20.18 23.07
CA ASN K 283 -28.92 19.69 23.45
C ASN K 283 -28.90 18.18 23.71
N LYS K 284 -27.84 17.71 24.33
CA LYS K 284 -27.70 16.28 24.61
C LYS K 284 -28.96 15.73 25.27
N GLU K 285 -29.48 16.47 26.26
CA GLU K 285 -30.67 16.01 26.99
C GLU K 285 -31.95 15.97 26.17
N SER K 286 -32.19 17.02 25.40
CA SER K 286 -33.41 17.10 24.60
C SER K 286 -33.28 16.36 23.29
N TYR K 287 -32.17 15.66 23.09
CA TYR K 287 -31.95 14.90 21.84
C TYR K 287 -32.22 13.41 22.04
N ILE K 288 -32.06 12.95 23.28
CA ILE K 288 -32.29 11.55 23.60
C ILE K 288 -33.69 11.16 23.16
N GLY K 289 -33.86 9.91 22.75
CA GLY K 289 -35.18 9.49 22.33
C GLY K 289 -35.48 9.75 20.87
N LYS K 290 -34.77 10.69 20.26
CA LYS K 290 -35.01 10.99 18.87
C LYS K 290 -34.51 9.89 17.93
N MET K 291 -35.10 9.82 16.73
CA MET K 291 -34.72 8.81 15.76
C MET K 291 -33.76 9.41 14.73
N VAL K 292 -32.67 8.69 14.45
CA VAL K 292 -31.71 9.17 13.47
C VAL K 292 -31.42 8.14 12.41
N LYS K 293 -31.22 8.62 11.18
CA LYS K 293 -30.91 7.75 10.06
C LYS K 293 -29.41 7.50 10.02
N PHE K 294 -29.01 6.40 9.41
CA PHE K 294 -27.60 6.07 9.33
C PHE K 294 -27.41 4.91 8.38
N LYS K 295 -26.23 4.81 7.79
CA LYS K 295 -25.96 3.73 6.87
C LYS K 295 -24.88 2.83 7.46
N TYR K 296 -24.81 1.59 6.98
CA TYR K 296 -23.82 0.65 7.47
C TYR K 296 -23.64 -0.53 6.50
N PHE K 297 -22.54 -1.27 6.68
CA PHE K 297 -22.24 -2.42 5.84
C PHE K 297 -22.57 -3.68 6.63
N GLU K 298 -23.38 -4.57 6.07
CA GLU K 298 -23.75 -5.78 6.79
C GLU K 298 -22.61 -6.77 6.92
N MET K 299 -21.90 -7.03 5.82
CA MET K 299 -20.81 -8.00 5.85
C MET K 299 -19.70 -7.58 6.79
N GLY K 300 -19.28 -8.50 7.65
CA GLY K 300 -18.23 -8.20 8.62
C GLY K 300 -18.74 -7.91 10.00
N SER K 301 -20.01 -7.54 10.09
CA SER K 301 -20.66 -7.21 11.37
C SER K 301 -20.75 -8.45 12.27
N LYS K 302 -20.12 -8.37 13.43
CA LYS K 302 -20.13 -9.48 14.36
C LYS K 302 -21.35 -9.40 15.26
N ASP K 303 -21.45 -8.32 16.03
CA ASP K 303 -22.58 -8.14 16.95
C ASP K 303 -23.34 -6.86 16.70
N CYS K 304 -22.77 -5.99 15.87
CA CYS K 304 -23.39 -4.70 15.54
C CYS K 304 -22.99 -4.28 14.13
N PRO K 305 -23.65 -3.24 13.60
CA PRO K 305 -23.33 -2.75 12.25
C PRO K 305 -21.86 -2.42 12.04
N ARG K 306 -21.38 -2.62 10.81
CA ARG K 306 -19.99 -2.30 10.48
C ARG K 306 -19.93 -0.97 9.76
N PHE K 307 -18.94 -0.16 10.11
CA PHE K 307 -18.77 1.14 9.47
C PHE K 307 -20.03 1.96 9.63
N PRO K 308 -20.57 2.05 10.84
CA PRO K 308 -21.79 2.85 11.01
C PRO K 308 -21.52 4.30 10.70
N VAL K 309 -22.35 4.89 9.84
CA VAL K 309 -22.19 6.30 9.48
C VAL K 309 -23.50 7.05 9.63
N PHE K 310 -23.46 8.14 10.39
CA PHE K 310 -24.65 8.96 10.60
C PHE K 310 -25.01 9.69 9.33
N ILE K 311 -26.31 9.83 9.09
CA ILE K 311 -26.80 10.54 7.91
C ILE K 311 -27.64 11.76 8.24
N GLY K 312 -28.62 11.60 9.12
CA GLY K 312 -29.46 12.73 9.49
C GLY K 312 -30.46 12.38 10.58
N ILE K 313 -31.16 13.39 11.09
CA ILE K 313 -32.16 13.17 12.14
C ILE K 313 -33.51 12.94 11.51
N ARG K 314 -34.47 12.47 12.32
CA ARG K 314 -35.84 12.22 11.87
C ARG K 314 -35.92 11.14 10.79
N MET L 22 -20.41 -48.67 -5.60
CA MET L 22 -19.39 -47.90 -4.83
C MET L 22 -18.31 -48.83 -4.24
N ALA L 23 -18.49 -50.12 -4.42
CA ALA L 23 -17.52 -51.08 -3.92
C ALA L 23 -16.27 -51.06 -4.77
N ILE L 24 -15.34 -51.95 -4.48
CA ILE L 24 -14.09 -52.05 -5.23
C ILE L 24 -14.08 -53.35 -6.01
N THR L 25 -14.20 -53.26 -7.33
CA THR L 25 -14.22 -54.46 -8.16
C THR L 25 -13.01 -55.32 -7.89
N LYS L 26 -11.83 -54.72 -7.96
CA LYS L 26 -10.59 -55.41 -7.73
C LYS L 26 -9.60 -54.40 -7.17
N PRO L 27 -8.74 -54.84 -6.25
CA PRO L 27 -7.73 -53.98 -5.62
C PRO L 27 -6.79 -53.31 -6.61
N LEU L 28 -6.29 -52.14 -6.18
CA LEU L 28 -5.36 -51.32 -6.95
C LEU L 28 -3.97 -51.96 -6.89
N LEU L 29 -3.30 -52.07 -8.02
CA LEU L 29 -1.97 -52.65 -8.03
C LEU L 29 -1.01 -51.72 -8.72
N ALA L 30 0.17 -51.58 -8.14
CA ALA L 30 1.20 -50.70 -8.67
C ALA L 30 2.10 -51.36 -9.70
N ALA L 31 2.72 -50.51 -10.50
CA ALA L 31 3.62 -50.96 -11.54
C ALA L 31 5.05 -50.78 -11.04
N THR L 32 5.94 -51.66 -11.49
CA THR L 32 7.31 -51.62 -11.09
C THR L 32 8.09 -50.51 -11.76
N LEU L 33 8.61 -49.59 -10.96
CA LEU L 33 9.40 -48.49 -11.49
C LEU L 33 10.83 -48.98 -11.73
N GLU L 34 11.34 -48.74 -12.94
CA GLU L 34 12.70 -49.14 -13.30
C GLU L 34 13.61 -47.94 -13.49
N ASN L 35 13.16 -46.96 -14.29
CA ASN L 35 13.95 -45.77 -14.54
C ASN L 35 13.43 -44.60 -13.73
N ILE L 36 14.27 -44.09 -12.84
CA ILE L 36 13.89 -42.99 -11.97
C ILE L 36 13.44 -41.79 -12.79
N GLU L 37 13.76 -41.80 -14.08
CA GLU L 37 13.39 -40.71 -14.97
C GLU L 37 11.91 -40.74 -15.35
N ASP L 38 11.29 -41.91 -15.28
CA ASP L 38 9.89 -42.03 -15.64
C ASP L 38 8.95 -41.41 -14.61
N VAL L 39 9.47 -41.03 -13.45
CA VAL L 39 8.61 -40.45 -12.43
C VAL L 39 8.19 -39.04 -12.80
N GLN L 40 6.89 -38.78 -12.73
CA GLN L 40 6.37 -37.46 -13.03
C GLN L 40 6.20 -36.66 -11.76
N PHE L 41 6.50 -35.37 -11.81
CA PHE L 41 6.38 -34.52 -10.64
C PHE L 41 5.42 -33.37 -10.87
N PRO L 42 4.78 -32.88 -9.80
CA PRO L 42 4.95 -33.38 -8.43
C PRO L 42 4.18 -34.68 -8.20
N CYS L 43 4.60 -35.43 -7.19
CA CYS L 43 3.94 -36.69 -6.88
C CYS L 43 3.95 -36.91 -5.39
N LEU L 44 3.04 -37.76 -4.91
CA LEU L 44 2.94 -38.07 -3.51
C LEU L 44 3.51 -39.47 -3.30
N ALA L 45 4.30 -39.61 -2.25
CA ALA L 45 4.91 -40.89 -1.95
C ALA L 45 4.66 -41.32 -0.52
N THR L 46 4.79 -42.62 -0.30
CA THR L 46 4.63 -43.22 1.03
C THR L 46 5.50 -44.47 1.10
N PRO L 47 5.71 -44.99 2.30
CA PRO L 47 6.53 -46.19 2.43
C PRO L 47 5.75 -47.45 2.03
N LYS L 48 6.45 -48.39 1.42
CA LYS L 48 5.82 -49.64 1.02
C LYS L 48 6.06 -50.68 2.11
N ILE L 49 4.99 -51.17 2.73
CA ILE L 49 5.13 -52.18 3.79
C ILE L 49 5.31 -53.59 3.25
N ASP L 50 6.11 -54.40 3.94
CA ASP L 50 6.34 -55.77 3.50
C ASP L 50 5.37 -56.69 4.22
N GLY L 51 4.12 -56.27 4.24
CA GLY L 51 3.08 -57.07 4.88
C GLY L 51 2.20 -57.78 3.87
N ILE L 52 0.93 -57.97 4.24
CA ILE L 52 -0.04 -58.62 3.37
C ILE L 52 -1.20 -57.68 3.10
N ARG L 53 -1.48 -57.47 1.82
CA ARG L 53 -2.55 -56.60 1.37
C ARG L 53 -3.89 -57.12 1.86
N SER L 54 -4.76 -56.18 2.27
CA SER L 54 -6.09 -56.53 2.74
C SER L 54 -7.06 -55.37 2.62
N VAL L 55 -8.13 -55.55 1.84
CA VAL L 55 -9.14 -54.51 1.65
C VAL L 55 -10.39 -54.86 2.43
N LYS L 56 -11.10 -53.85 2.93
CA LYS L 56 -12.34 -54.10 3.66
C LYS L 56 -13.57 -53.95 2.77
N GLN L 57 -14.24 -55.08 2.54
CA GLN L 57 -15.44 -55.14 1.71
C GLN L 57 -16.40 -55.97 2.56
N THR L 58 -17.13 -55.29 3.45
CA THR L 58 -18.05 -55.95 4.38
C THR L 58 -17.17 -56.61 5.44
N GLN L 59 -16.25 -57.44 4.99
CA GLN L 59 -15.30 -58.10 5.89
C GLN L 59 -13.90 -57.80 5.35
N MET L 60 -12.87 -58.45 5.88
CA MET L 60 -11.53 -58.21 5.38
C MET L 60 -11.16 -59.22 4.31
N LEU L 61 -10.78 -58.73 3.14
CA LEU L 61 -10.43 -59.61 2.04
C LEU L 61 -8.95 -59.51 1.70
N SER L 62 -8.43 -60.51 1.02
CA SER L 62 -7.03 -60.55 0.61
C SER L 62 -6.88 -59.94 -0.79
N ARG L 63 -5.64 -59.83 -1.25
CA ARG L 63 -5.34 -59.27 -2.58
C ARG L 63 -6.23 -59.90 -3.65
N THR L 64 -6.53 -61.19 -3.47
CA THR L 64 -7.35 -61.90 -4.43
C THR L 64 -8.80 -61.92 -3.97
N PHE L 65 -9.13 -60.96 -3.12
CA PHE L 65 -10.48 -60.82 -2.60
C PHE L 65 -11.03 -62.07 -1.94
N LYS L 66 -10.18 -62.80 -1.24
CA LYS L 66 -10.65 -63.98 -0.52
C LYS L 66 -10.67 -63.46 0.90
N PRO L 67 -11.40 -64.15 1.80
CA PRO L 67 -11.46 -63.68 3.20
C PRO L 67 -10.20 -63.99 4.01
N ILE L 68 -9.76 -63.03 4.82
CA ILE L 68 -8.57 -63.24 5.63
C ILE L 68 -8.79 -64.40 6.59
N ARG L 69 -8.09 -65.51 6.34
CA ARG L 69 -8.21 -66.69 7.20
C ARG L 69 -8.32 -66.39 8.70
N ASN L 70 -7.31 -65.70 9.25
CA ASN L 70 -7.28 -65.34 10.67
C ASN L 70 -8.49 -64.50 11.11
N SER L 71 -9.52 -65.19 11.60
CA SER L 71 -10.77 -64.58 12.01
C SER L 71 -10.66 -63.46 13.03
N VAL L 72 -9.76 -63.62 13.98
CA VAL L 72 -9.56 -62.61 15.02
C VAL L 72 -9.25 -61.28 14.37
N MET L 73 -8.35 -61.29 13.39
CA MET L 73 -7.96 -60.07 12.69
C MET L 73 -9.13 -59.57 11.88
N ASN L 74 -9.60 -60.45 10.98
CA ASN L 74 -10.71 -60.13 10.10
C ASN L 74 -11.82 -59.43 10.88
N ARG L 75 -12.29 -60.12 11.92
CA ARG L 75 -13.35 -59.62 12.77
C ARG L 75 -12.95 -58.26 13.38
N LEU L 76 -11.79 -58.21 14.03
CA LEU L 76 -11.30 -56.97 14.65
C LEU L 76 -11.23 -55.79 13.69
N LEU L 77 -10.52 -55.98 12.59
CA LEU L 77 -10.36 -54.93 11.60
C LEU L 77 -11.70 -54.49 11.05
N THR L 78 -12.65 -55.42 10.94
CA THR L 78 -13.98 -55.12 10.41
C THR L 78 -14.72 -54.14 11.32
N GLU L 79 -14.40 -54.16 12.61
CA GLU L 79 -15.04 -53.27 13.58
C GLU L 79 -14.41 -51.88 13.56
N LEU L 80 -13.09 -51.82 13.39
CA LEU L 80 -12.38 -50.55 13.34
C LEU L 80 -12.42 -49.85 11.99
N LEU L 81 -11.98 -50.56 10.96
CA LEU L 81 -11.91 -50.03 9.60
C LEU L 81 -13.26 -49.81 8.95
N PRO L 82 -13.45 -48.63 8.34
CA PRO L 82 -14.71 -48.32 7.67
C PRO L 82 -14.79 -49.02 6.30
N GLU L 83 -15.99 -49.38 5.88
CA GLU L 83 -16.19 -50.04 4.59
C GLU L 83 -15.37 -49.36 3.50
N GLY L 84 -14.56 -50.14 2.79
CA GLY L 84 -13.75 -49.60 1.70
C GLY L 84 -12.36 -49.11 2.08
N SER L 85 -11.73 -49.82 3.01
CA SER L 85 -10.39 -49.47 3.46
C SER L 85 -9.37 -50.38 2.79
N ASP L 86 -8.32 -49.75 2.26
CA ASP L 86 -7.25 -50.49 1.61
C ASP L 86 -5.96 -50.27 2.39
N GLY L 87 -5.24 -51.35 2.65
CA GLY L 87 -4.00 -51.28 3.40
C GLY L 87 -3.35 -52.64 3.53
N GLU L 88 -2.36 -52.74 4.41
CA GLU L 88 -1.66 -54.00 4.63
C GLU L 88 -1.52 -54.39 6.10
N ILE L 89 -1.64 -55.69 6.34
CA ILE L 89 -1.52 -56.24 7.67
C ILE L 89 -0.06 -56.60 7.83
N SER L 90 0.52 -56.20 8.96
CA SER L 90 1.93 -56.47 9.22
C SER L 90 2.25 -56.54 10.69
N ILE L 91 3.00 -57.57 11.07
CA ILE L 91 3.42 -57.75 12.46
C ILE L 91 4.72 -56.95 12.70
N GLU L 92 4.63 -55.89 13.49
CA GLU L 92 5.81 -55.07 13.78
C GLU L 92 6.97 -55.89 14.34
N GLY L 93 8.17 -55.58 13.89
CA GLY L 93 9.35 -56.31 14.37
C GLY L 93 9.48 -57.72 13.82
N ALA L 94 8.36 -58.43 13.72
CA ALA L 94 8.37 -59.80 13.21
C ALA L 94 8.92 -59.92 11.79
N THR L 95 9.28 -61.14 11.42
CA THR L 95 9.79 -61.39 10.08
C THR L 95 8.59 -61.53 9.15
N PHE L 96 8.85 -61.59 7.86
CA PHE L 96 7.76 -61.74 6.90
C PHE L 96 7.10 -63.11 7.11
N GLN L 97 7.92 -64.16 7.15
CA GLN L 97 7.40 -65.50 7.33
C GLN L 97 6.52 -65.53 8.58
N ASP L 98 6.85 -64.73 9.58
CA ASP L 98 6.05 -64.70 10.78
C ASP L 98 4.68 -64.08 10.50
N THR L 99 4.70 -62.90 9.90
CA THR L 99 3.47 -62.20 9.58
C THR L 99 2.63 -63.08 8.67
N THR L 100 3.29 -63.76 7.74
CA THR L 100 2.58 -64.63 6.81
C THR L 100 1.70 -65.61 7.58
N SER L 101 2.26 -66.21 8.62
CA SER L 101 1.52 -67.18 9.42
C SER L 101 0.43 -66.55 10.28
N ALA L 102 0.72 -65.37 10.82
CA ALA L 102 -0.26 -64.70 11.67
C ALA L 102 -1.48 -64.23 10.90
N VAL L 103 -1.49 -64.46 9.59
CA VAL L 103 -2.62 -64.03 8.76
C VAL L 103 -3.20 -65.16 7.92
N MET L 104 -2.35 -66.09 7.51
CA MET L 104 -2.81 -67.19 6.69
C MET L 104 -3.35 -68.37 7.48
N THR L 105 -3.28 -68.28 8.80
CA THR L 105 -3.76 -69.36 9.66
C THR L 105 -5.13 -69.06 10.25
N GLY L 106 -5.97 -70.08 10.27
CA GLY L 106 -7.31 -69.93 10.80
C GLY L 106 -7.35 -69.90 12.31
N HIS L 107 -6.76 -68.87 12.90
CA HIS L 107 -6.73 -68.73 14.36
C HIS L 107 -8.10 -68.50 14.97
N LYS L 108 -8.38 -69.28 16.01
CA LYS L 108 -9.64 -69.18 16.74
C LYS L 108 -9.47 -68.02 17.73
N MET L 109 -8.30 -67.99 18.36
CA MET L 109 -7.96 -66.96 19.33
C MET L 109 -6.56 -66.45 19.01
N TYR L 110 -6.46 -65.16 18.69
CA TYR L 110 -5.19 -64.55 18.39
C TYR L 110 -4.98 -63.38 19.35
N ASN L 111 -4.06 -63.58 20.27
CA ASN L 111 -3.76 -62.59 21.31
C ASN L 111 -2.66 -61.60 20.92
N ALA L 112 -1.70 -62.06 20.13
CA ALA L 112 -0.57 -61.24 19.70
C ALA L 112 -0.99 -59.92 19.05
N LYS L 113 -0.12 -58.92 19.14
CA LYS L 113 -0.38 -57.62 18.56
C LYS L 113 -0.07 -57.63 17.06
N PHE L 114 -0.59 -56.64 16.34
CA PHE L 114 -0.34 -56.54 14.92
C PHE L 114 -0.84 -55.18 14.42
N SER L 115 -0.25 -54.69 13.34
CA SER L 115 -0.60 -53.40 12.80
C SER L 115 -1.25 -53.51 11.44
N TYR L 116 -1.89 -52.43 11.03
CA TYR L 116 -2.56 -52.35 9.73
C TYR L 116 -2.27 -50.99 9.10
N TYR L 117 -1.48 -50.96 8.04
CA TYR L 117 -1.19 -49.68 7.41
C TYR L 117 -2.28 -49.28 6.43
N TRP L 118 -3.07 -48.29 6.84
CA TRP L 118 -4.19 -47.78 6.05
C TRP L 118 -3.66 -46.76 5.05
N PHE L 119 -3.65 -47.10 3.78
CA PHE L 119 -3.13 -46.17 2.80
C PHE L 119 -4.07 -45.66 1.73
N ASP L 120 -5.29 -46.21 1.69
CA ASP L 120 -6.27 -45.76 0.71
C ASP L 120 -7.66 -45.92 1.30
N TYR L 121 -8.62 -45.19 0.73
CA TYR L 121 -10.00 -45.22 1.21
C TYR L 121 -11.02 -44.85 0.13
N VAL L 122 -11.84 -45.82 -0.24
CA VAL L 122 -12.86 -45.59 -1.25
C VAL L 122 -14.23 -45.49 -0.61
N THR L 123 -14.69 -44.26 -0.39
CA THR L 123 -15.98 -44.03 0.23
C THR L 123 -17.11 -44.27 -0.74
N ASP L 124 -17.10 -43.55 -1.86
CA ASP L 124 -18.15 -43.70 -2.86
C ASP L 124 -17.60 -43.79 -4.28
N ASP L 125 -17.19 -42.67 -4.86
CA ASP L 125 -16.68 -42.68 -6.22
C ASP L 125 -15.19 -43.01 -6.30
N PRO L 126 -14.85 -44.13 -6.96
CA PRO L 126 -13.47 -44.58 -7.12
C PRO L 126 -12.70 -43.72 -8.09
N LEU L 127 -13.26 -42.57 -8.45
CA LEU L 127 -12.60 -41.67 -9.37
C LEU L 127 -12.14 -40.42 -8.65
N LYS L 128 -12.32 -40.38 -7.34
CA LYS L 128 -11.91 -39.21 -6.55
C LYS L 128 -10.37 -39.18 -6.41
N LYS L 129 -9.76 -38.05 -6.74
CA LYS L 129 -8.31 -37.90 -6.67
C LYS L 129 -7.71 -38.45 -5.37
N TYR L 130 -6.57 -39.13 -5.49
CA TYR L 130 -5.87 -39.71 -4.35
C TYR L 130 -5.83 -38.75 -3.16
N ILE L 131 -5.36 -37.53 -3.41
CA ILE L 131 -5.27 -36.54 -2.31
C ILE L 131 -6.59 -36.45 -1.57
N ASP L 132 -7.67 -36.39 -2.32
CA ASP L 132 -9.00 -36.30 -1.74
C ASP L 132 -9.37 -37.57 -0.98
N ARG L 133 -9.02 -38.72 -1.54
CA ARG L 133 -9.31 -39.99 -0.88
C ARG L 133 -8.55 -40.03 0.44
N VAL L 134 -7.38 -39.41 0.45
CA VAL L 134 -6.58 -39.39 1.67
C VAL L 134 -7.31 -38.49 2.65
N GLU L 135 -7.77 -37.34 2.15
CA GLU L 135 -8.50 -36.38 2.96
C GLU L 135 -9.68 -37.10 3.62
N ASP L 136 -10.40 -37.91 2.84
CA ASP L 136 -11.52 -38.65 3.37
C ASP L 136 -11.05 -39.57 4.49
N MET L 137 -9.84 -40.09 4.35
CA MET L 137 -9.29 -40.99 5.36
C MET L 137 -8.92 -40.19 6.61
N LYS L 138 -8.31 -39.02 6.42
CA LYS L 138 -7.92 -38.18 7.53
C LYS L 138 -9.15 -37.76 8.32
N ASN L 139 -10.20 -37.37 7.61
CA ASN L 139 -11.44 -36.92 8.23
C ASN L 139 -12.06 -38.02 9.09
N TYR L 140 -12.17 -39.21 8.53
CA TYR L 140 -12.74 -40.31 9.27
C TYR L 140 -12.05 -40.46 10.61
N ILE L 141 -10.74 -40.23 10.63
CA ILE L 141 -9.94 -40.36 11.84
C ILE L 141 -10.36 -39.31 12.86
N THR L 142 -10.46 -38.08 12.42
CA THR L 142 -10.83 -37.00 13.30
C THR L 142 -12.12 -37.35 14.02
N VAL L 143 -13.02 -37.99 13.30
CA VAL L 143 -14.31 -38.37 13.85
C VAL L 143 -14.25 -39.62 14.72
N HIS L 144 -13.28 -40.48 14.45
CA HIS L 144 -13.14 -41.71 15.23
C HIS L 144 -11.70 -41.94 15.72
N PRO L 145 -11.17 -40.99 16.49
CA PRO L 145 -9.81 -41.07 17.02
C PRO L 145 -9.47 -42.40 17.69
N HIS L 146 -10.46 -43.03 18.30
CA HIS L 146 -10.26 -44.28 19.01
C HIS L 146 -9.65 -45.41 18.18
N ILE L 147 -9.86 -45.40 16.88
CA ILE L 147 -9.33 -46.45 16.02
C ILE L 147 -7.80 -46.55 16.11
N LEU L 148 -7.15 -45.40 16.17
CA LEU L 148 -5.69 -45.38 16.24
C LEU L 148 -5.23 -45.63 17.67
N GLU L 149 -6.16 -46.04 18.53
CA GLU L 149 -5.82 -46.27 19.93
C GLU L 149 -6.13 -47.67 20.43
N HIS L 150 -6.58 -48.54 19.54
CA HIS L 150 -6.92 -49.90 19.96
C HIS L 150 -5.76 -50.52 20.72
N ALA L 151 -6.10 -51.29 21.74
CA ALA L 151 -5.10 -51.95 22.57
C ALA L 151 -4.27 -52.99 21.83
N GLN L 152 -4.89 -53.70 20.90
CA GLN L 152 -4.19 -54.75 20.16
C GLN L 152 -3.79 -54.32 18.73
N VAL L 153 -4.80 -54.03 17.91
CA VAL L 153 -4.61 -53.64 16.52
C VAL L 153 -4.20 -52.17 16.40
N LYS L 154 -2.99 -51.93 15.89
CA LYS L 154 -2.53 -50.57 15.72
C LYS L 154 -2.74 -50.12 14.28
N ILE L 155 -3.71 -49.24 14.06
CA ILE L 155 -3.98 -48.75 12.73
C ILE L 155 -3.06 -47.59 12.41
N ILE L 156 -2.34 -47.70 11.29
CA ILE L 156 -1.39 -46.67 10.88
C ILE L 156 -1.73 -46.04 9.53
N PRO L 157 -2.21 -44.79 9.56
CA PRO L 157 -2.58 -44.05 8.34
C PRO L 157 -1.35 -43.63 7.56
N LEU L 158 -1.26 -44.04 6.31
CA LEU L 158 -0.11 -43.64 5.52
C LEU L 158 -0.41 -42.39 4.69
N ILE L 159 -0.27 -41.22 5.32
CA ILE L 159 -0.51 -39.95 4.64
C ILE L 159 0.70 -39.68 3.76
N PRO L 160 0.49 -39.53 2.44
CA PRO L 160 1.57 -39.28 1.48
C PRO L 160 2.38 -38.04 1.75
N VAL L 161 3.57 -38.00 1.17
CA VAL L 161 4.47 -36.86 1.30
C VAL L 161 4.61 -36.27 -0.09
N GLU L 162 4.68 -34.95 -0.18
CA GLU L 162 4.80 -34.32 -1.48
C GLU L 162 6.23 -34.30 -1.99
N ILE L 163 6.49 -34.96 -3.12
CA ILE L 163 7.82 -35.00 -3.70
C ILE L 163 7.83 -34.13 -4.97
N ASN L 164 8.76 -33.18 -5.07
CA ASN L 164 8.82 -32.32 -6.23
C ASN L 164 9.89 -32.59 -7.28
N ASN L 165 10.86 -33.44 -6.97
CA ASN L 165 11.92 -33.75 -7.94
C ASN L 165 12.80 -34.94 -7.53
N ILE L 166 13.41 -35.57 -8.52
CA ILE L 166 14.27 -36.73 -8.31
C ILE L 166 15.06 -36.66 -7.01
N THR L 167 15.66 -35.50 -6.76
CA THR L 167 16.43 -35.28 -5.54
C THR L 167 15.60 -35.60 -4.32
N GLU L 168 14.48 -34.89 -4.15
CA GLU L 168 13.62 -35.13 -3.01
C GLU L 168 13.21 -36.59 -2.89
N LEU L 169 12.88 -37.18 -4.03
CA LEU L 169 12.47 -38.58 -4.04
C LEU L 169 13.58 -39.40 -3.43
N LEU L 170 14.74 -39.36 -4.06
CA LEU L 170 15.89 -40.11 -3.58
C LEU L 170 16.10 -39.91 -2.09
N GLN L 171 15.86 -38.70 -1.61
CA GLN L 171 16.01 -38.40 -0.21
C GLN L 171 14.99 -39.23 0.57
N TYR L 172 13.75 -39.21 0.10
CA TYR L 172 12.67 -39.95 0.73
C TYR L 172 13.01 -41.43 0.79
N GLU L 173 13.54 -41.96 -0.32
CA GLU L 173 13.90 -43.39 -0.35
C GLU L 173 14.88 -43.70 0.78
N ARG L 174 15.89 -42.84 0.94
CA ARG L 174 16.88 -43.03 2.00
C ARG L 174 16.17 -43.08 3.34
N ASP L 175 15.20 -42.18 3.53
CA ASP L 175 14.48 -42.13 4.78
C ASP L 175 13.73 -43.42 5.09
N VAL L 176 12.73 -43.72 4.28
CA VAL L 176 11.93 -44.92 4.52
C VAL L 176 12.77 -46.16 4.66
N LEU L 177 13.82 -46.24 3.87
CA LEU L 177 14.67 -47.40 3.93
C LEU L 177 15.35 -47.49 5.30
N SER L 178 15.93 -46.39 5.74
CA SER L 178 16.60 -46.39 7.02
C SER L 178 15.61 -46.80 8.10
N LYS L 179 14.34 -46.44 7.92
CA LYS L 179 13.33 -46.81 8.90
C LYS L 179 12.86 -48.24 8.70
N GLY L 180 13.58 -48.97 7.84
CA GLY L 180 13.25 -50.36 7.61
C GLY L 180 12.02 -50.71 6.80
N PHE L 181 11.83 -50.06 5.67
CA PHE L 181 10.69 -50.35 4.81
C PHE L 181 11.13 -51.02 3.51
N GLU L 182 10.20 -51.76 2.89
CA GLU L 182 10.49 -52.48 1.65
C GLU L 182 10.88 -51.55 0.51
N GLY L 183 10.27 -50.38 0.47
CA GLY L 183 10.58 -49.44 -0.60
C GLY L 183 9.66 -48.26 -0.46
N VAL L 184 9.29 -47.65 -1.58
CA VAL L 184 8.42 -46.48 -1.56
C VAL L 184 7.36 -46.56 -2.63
N MET L 185 6.14 -46.15 -2.30
CA MET L 185 5.04 -46.17 -3.26
C MET L 185 4.81 -44.77 -3.84
N ILE L 186 4.93 -44.62 -5.15
CA ILE L 186 4.74 -43.31 -5.79
C ILE L 186 3.39 -43.21 -6.50
N ARG L 187 2.60 -42.19 -6.14
CA ARG L 187 1.29 -42.02 -6.73
C ARG L 187 1.10 -40.65 -7.37
N LYS L 188 0.13 -40.54 -8.27
CA LYS L 188 -0.18 -39.28 -8.93
C LYS L 188 -1.22 -38.59 -8.05
N PRO L 189 -0.98 -37.33 -7.66
CA PRO L 189 -1.93 -36.61 -6.81
C PRO L 189 -3.38 -36.79 -7.18
N ASP L 190 -3.70 -36.55 -8.45
CA ASP L 190 -5.07 -36.65 -8.91
C ASP L 190 -5.46 -38.08 -9.25
N GLY L 191 -4.50 -38.99 -9.27
CA GLY L 191 -4.80 -40.37 -9.60
C GLY L 191 -6.08 -40.93 -9.03
N LYS L 192 -6.68 -41.87 -9.74
CA LYS L 192 -7.92 -42.53 -9.33
C LYS L 192 -7.62 -43.87 -8.70
N TYR L 193 -8.65 -44.54 -8.21
CA TYR L 193 -8.45 -45.86 -7.63
C TYR L 193 -8.75 -46.86 -8.72
N LYS L 194 -7.82 -47.01 -9.65
CA LYS L 194 -8.00 -47.94 -10.75
C LYS L 194 -8.23 -49.36 -10.27
N PHE L 195 -9.24 -50.02 -10.84
CA PHE L 195 -9.56 -51.40 -10.48
C PHE L 195 -8.64 -52.32 -11.29
N GLY L 196 -7.35 -52.29 -10.96
CA GLY L 196 -6.38 -53.13 -11.65
C GLY L 196 -4.98 -52.60 -11.47
N ARG L 197 -4.01 -53.22 -12.14
CA ARG L 197 -2.64 -52.77 -11.99
C ARG L 197 -2.32 -51.54 -12.84
N SER L 198 -1.92 -50.46 -12.19
CA SER L 198 -1.58 -49.22 -12.87
C SER L 198 -0.50 -49.47 -13.91
N THR L 199 -0.38 -48.58 -14.89
CA THR L 199 0.65 -48.76 -15.89
C THR L 199 1.70 -47.72 -15.59
N LEU L 200 2.88 -47.87 -16.19
CA LEU L 200 3.93 -46.93 -15.97
C LEU L 200 3.46 -45.53 -16.35
N LYS L 201 3.04 -45.38 -17.60
CA LYS L 201 2.57 -44.09 -18.10
C LYS L 201 1.48 -43.50 -17.26
N GLU L 202 0.49 -44.31 -16.90
CA GLU L 202 -0.61 -43.82 -16.09
C GLU L 202 -0.08 -43.12 -14.85
N GLY L 203 0.97 -43.69 -14.26
CA GLY L 203 1.56 -43.11 -13.07
C GLY L 203 0.56 -42.95 -11.95
N ILE L 204 -0.30 -43.93 -11.77
CA ILE L 204 -1.30 -43.85 -10.71
C ILE L 204 -0.65 -44.37 -9.44
N LEU L 205 -0.01 -45.52 -9.55
CA LEU L 205 0.67 -46.12 -8.41
C LEU L 205 1.89 -46.88 -8.89
N LEU L 206 3.06 -46.44 -8.43
CA LEU L 206 4.31 -47.06 -8.80
C LEU L 206 5.03 -47.60 -7.56
N LYS L 207 5.68 -48.75 -7.74
CA LYS L 207 6.44 -49.41 -6.68
C LYS L 207 7.92 -49.22 -6.96
N MET L 208 8.63 -48.66 -5.98
CA MET L 208 10.06 -48.41 -6.10
C MET L 208 10.85 -49.26 -5.10
N LYS L 209 11.48 -50.30 -5.62
CA LYS L 209 12.26 -51.21 -4.82
C LYS L 209 13.67 -51.30 -5.41
N GLN L 210 14.68 -51.36 -4.54
CA GLN L 210 16.08 -51.41 -4.97
C GLN L 210 16.67 -52.82 -4.88
N PHE L 211 16.77 -53.50 -6.01
CA PHE L 211 17.33 -54.85 -6.03
C PHE L 211 18.84 -54.79 -5.96
N LYS L 212 19.48 -55.96 -5.83
CA LYS L 212 20.92 -56.03 -5.74
C LYS L 212 21.48 -57.03 -6.74
N ASP L 213 22.59 -56.66 -7.38
CA ASP L 213 23.22 -57.53 -8.35
C ASP L 213 24.13 -58.56 -7.69
N ALA L 214 24.42 -59.65 -8.39
CA ALA L 214 25.26 -60.70 -7.87
C ALA L 214 25.52 -61.75 -8.95
N GLU L 215 26.19 -62.83 -8.60
CA GLU L 215 26.47 -63.90 -9.55
C GLU L 215 26.48 -65.24 -8.82
N ALA L 216 26.12 -66.30 -9.54
CA ALA L 216 26.08 -67.63 -8.98
C ALA L 216 26.55 -68.58 -10.04
N THR L 217 26.75 -69.83 -9.66
CA THR L 217 27.23 -70.84 -10.60
C THR L 217 26.17 -71.88 -10.88
N ILE L 218 25.82 -72.03 -12.15
CA ILE L 218 24.82 -73.01 -12.53
C ILE L 218 25.30 -74.41 -12.14
N ILE L 219 24.41 -75.22 -11.57
CA ILE L 219 24.82 -76.57 -11.19
C ILE L 219 23.86 -77.61 -11.76
N SER L 220 22.70 -77.17 -12.24
CA SER L 220 21.71 -78.08 -12.81
C SER L 220 20.55 -77.31 -13.42
N MET L 221 19.72 -78.03 -14.17
CA MET L 221 18.57 -77.40 -14.80
C MET L 221 17.33 -78.21 -14.59
N THR L 222 16.18 -77.58 -14.84
CA THR L 222 14.87 -78.22 -14.70
C THR L 222 13.97 -77.87 -15.89
N ALA L 223 13.22 -78.85 -16.36
CA ALA L 223 12.33 -78.68 -17.50
C ALA L 223 11.15 -77.75 -17.23
N LEU L 224 10.64 -77.15 -18.29
CA LEU L 224 9.51 -76.25 -18.22
C LEU L 224 8.29 -77.15 -18.14
N PHE L 225 7.25 -76.69 -17.46
CA PHE L 225 6.04 -77.49 -17.34
C PHE L 225 4.77 -76.71 -17.68
N LYS L 226 4.05 -77.20 -18.67
CA LYS L 226 2.80 -76.58 -19.10
C LYS L 226 1.70 -77.09 -18.21
N ASN L 227 1.00 -76.17 -17.55
CA ASN L 227 -0.08 -76.54 -16.66
C ASN L 227 -1.37 -76.75 -17.44
N THR L 228 -1.62 -78.00 -17.83
CA THR L 228 -2.81 -78.33 -18.59
C THR L 228 -4.05 -78.57 -17.75
N ASN L 229 -4.04 -78.11 -16.49
CA ASN L 229 -5.22 -78.31 -15.65
C ASN L 229 -6.39 -77.53 -16.22
N THR L 230 -7.59 -78.03 -15.97
CA THR L 230 -8.81 -77.41 -16.48
C THR L 230 -8.91 -75.92 -16.18
N LYS L 231 -9.12 -75.14 -17.24
CA LYS L 231 -9.21 -73.69 -17.15
C LYS L 231 -10.57 -73.26 -16.63
N THR L 232 -10.56 -72.39 -15.62
CA THR L 232 -11.81 -71.89 -15.05
C THR L 232 -11.71 -70.38 -14.83
N LYS L 233 -12.55 -69.85 -13.95
CA LYS L 233 -12.57 -68.43 -13.66
C LYS L 233 -12.28 -68.18 -12.20
N ASP L 234 -11.94 -66.94 -11.85
CA ASP L 234 -11.65 -66.63 -10.46
C ASP L 234 -12.49 -65.47 -9.96
N ASN L 235 -12.30 -65.12 -8.70
CA ASN L 235 -13.05 -64.04 -8.07
C ASN L 235 -13.22 -62.80 -8.94
N PHE L 236 -12.33 -62.61 -9.91
CA PHE L 236 -12.43 -61.44 -10.76
C PHE L 236 -12.82 -61.79 -12.19
N GLY L 237 -12.80 -63.07 -12.52
CA GLY L 237 -13.17 -63.46 -13.86
C GLY L 237 -11.97 -63.76 -14.74
N TYR L 238 -10.80 -63.86 -14.13
CA TYR L 238 -9.59 -64.15 -14.88
C TYR L 238 -9.32 -65.64 -14.95
N SER L 239 -8.62 -66.06 -16.00
CA SER L 239 -8.26 -67.45 -16.21
C SER L 239 -7.59 -68.04 -14.97
N LYS L 240 -8.14 -69.14 -14.46
CA LYS L 240 -7.60 -69.79 -13.27
C LYS L 240 -7.44 -71.29 -13.51
N ARG L 241 -6.26 -71.82 -13.24
CA ARG L 241 -6.05 -73.25 -13.44
C ARG L 241 -5.44 -73.88 -12.20
N SER L 242 -5.80 -75.12 -11.92
CA SER L 242 -5.28 -75.81 -10.75
C SER L 242 -3.80 -76.07 -10.92
N THR L 243 -3.17 -76.61 -9.89
CA THR L 243 -1.73 -76.88 -9.94
C THR L 243 -1.38 -78.35 -9.70
N HIS L 244 -2.36 -79.22 -9.91
CA HIS L 244 -2.15 -80.67 -9.72
C HIS L 244 -1.09 -81.19 -10.67
N LYS L 245 -0.10 -81.89 -10.13
CA LYS L 245 0.98 -82.43 -10.95
C LYS L 245 0.43 -83.30 -12.07
N SER L 246 -0.81 -83.75 -11.91
CA SER L 246 -1.48 -84.59 -12.89
C SER L 246 -1.47 -83.92 -14.25
N GLY L 247 -1.96 -82.68 -14.27
CA GLY L 247 -2.04 -81.92 -15.50
C GLY L 247 -0.80 -81.11 -15.80
N LYS L 248 0.37 -81.65 -15.45
CA LYS L 248 1.62 -80.96 -15.71
C LYS L 248 2.44 -81.69 -16.76
N VAL L 249 2.34 -81.24 -18.00
CA VAL L 249 3.11 -81.86 -19.07
C VAL L 249 4.49 -81.21 -19.18
N GLU L 250 5.51 -82.04 -19.22
CA GLU L 250 6.89 -81.58 -19.30
C GLU L 250 7.24 -81.06 -20.68
N GLU L 251 7.64 -79.79 -20.75
CA GLU L 251 8.04 -79.19 -22.02
C GLU L 251 9.52 -79.48 -22.27
N ASP L 252 9.92 -79.43 -23.53
CA ASP L 252 11.29 -79.72 -23.89
C ASP L 252 12.17 -78.47 -23.88
N VAL L 253 12.06 -77.68 -22.81
CA VAL L 253 12.86 -76.48 -22.66
C VAL L 253 13.08 -76.20 -21.18
N MET L 254 14.11 -75.42 -20.88
CA MET L 254 14.43 -75.10 -19.50
C MET L 254 13.34 -74.29 -18.82
N GLY L 255 13.11 -74.55 -17.55
CA GLY L 255 12.08 -73.82 -16.81
C GLY L 255 12.70 -73.04 -15.67
N SER L 256 13.76 -73.61 -15.11
CA SER L 256 14.47 -72.99 -14.00
C SER L 256 15.86 -73.61 -13.92
N ILE L 257 16.74 -72.93 -13.20
CA ILE L 257 18.10 -73.42 -13.04
C ILE L 257 18.59 -73.29 -11.60
N GLU L 258 19.07 -74.39 -11.05
CA GLU L 258 19.60 -74.40 -9.68
C GLU L 258 21.01 -73.81 -9.76
N VAL L 259 21.34 -72.90 -8.85
CA VAL L 259 22.66 -72.29 -8.85
C VAL L 259 23.29 -72.19 -7.46
N ASP L 260 24.60 -72.03 -7.43
CA ASP L 260 25.32 -71.90 -6.16
C ASP L 260 25.85 -70.48 -6.02
N TYR L 261 25.20 -69.69 -5.17
CA TYR L 261 25.61 -68.31 -4.92
C TYR L 261 26.54 -68.26 -3.70
N ASP L 262 27.82 -68.44 -3.99
CA ASP L 262 28.86 -68.43 -2.97
C ASP L 262 28.41 -69.18 -1.73
N GLY L 263 28.08 -70.46 -1.91
CA GLY L 263 27.67 -71.28 -0.79
C GLY L 263 26.20 -71.66 -0.77
N VAL L 264 25.34 -70.66 -0.89
CA VAL L 264 23.89 -70.90 -0.86
C VAL L 264 23.36 -71.40 -2.20
N VAL L 265 22.37 -72.29 -2.13
CA VAL L 265 21.77 -72.85 -3.33
C VAL L 265 20.28 -72.56 -3.41
N PHE L 266 19.84 -72.15 -4.60
CA PHE L 266 18.45 -71.82 -4.87
C PHE L 266 18.22 -71.79 -6.37
N SER L 267 16.96 -71.76 -6.77
CA SER L 267 16.64 -71.76 -8.19
C SER L 267 16.29 -70.39 -8.77
N ILE L 268 16.45 -70.27 -10.08
CA ILE L 268 16.12 -69.05 -10.80
C ILE L 268 15.36 -69.49 -12.03
N GLY L 269 14.11 -69.06 -12.15
CA GLY L 269 13.31 -69.48 -13.29
C GLY L 269 12.59 -68.40 -14.06
N THR L 270 12.77 -67.15 -13.64
CA THR L 270 12.12 -66.05 -14.32
C THR L 270 13.22 -65.19 -14.90
N GLY L 271 12.88 -64.32 -15.84
CA GLY L 271 13.87 -63.46 -16.47
C GLY L 271 14.39 -64.02 -17.78
N PHE L 272 13.90 -65.20 -18.14
CA PHE L 272 14.30 -65.87 -19.38
C PHE L 272 13.25 -65.69 -20.47
N ASP L 273 13.69 -65.56 -21.71
CA ASP L 273 12.76 -65.41 -22.81
C ASP L 273 12.67 -66.74 -23.57
N ALA L 274 11.68 -66.83 -24.44
CA ALA L 274 11.45 -68.05 -25.20
C ALA L 274 12.74 -68.66 -25.73
N ASP L 275 13.47 -67.92 -26.54
CA ASP L 275 14.70 -68.42 -27.13
C ASP L 275 15.74 -68.85 -26.09
N GLN L 276 15.83 -68.11 -24.99
CA GLN L 276 16.80 -68.46 -23.97
C GLN L 276 16.50 -69.81 -23.37
N ARG L 277 15.25 -69.99 -22.92
CA ARG L 277 14.82 -71.24 -22.33
C ARG L 277 15.12 -72.40 -23.27
N ARG L 278 15.04 -72.10 -24.57
CA ARG L 278 15.29 -73.08 -25.63
C ARG L 278 16.75 -73.46 -25.64
N ASP L 279 17.60 -72.45 -25.71
CA ASP L 279 19.03 -72.67 -25.73
C ASP L 279 19.51 -73.36 -24.47
N PHE L 280 19.30 -72.72 -23.32
CA PHE L 280 19.71 -73.28 -22.02
C PHE L 280 19.41 -74.77 -21.90
N TRP L 281 18.22 -75.19 -22.30
CA TRP L 281 17.86 -76.59 -22.22
C TRP L 281 18.59 -77.38 -23.29
N GLN L 282 18.70 -76.80 -24.48
CA GLN L 282 19.39 -77.42 -25.60
C GLN L 282 20.82 -77.78 -25.23
N ASN L 283 21.43 -76.95 -24.41
CA ASN L 283 22.81 -77.16 -23.97
C ASN L 283 22.89 -77.28 -22.45
N LYS L 284 21.92 -77.97 -21.87
CA LYS L 284 21.90 -78.13 -20.42
C LYS L 284 23.24 -78.64 -19.90
N GLU L 285 23.80 -79.62 -20.59
CA GLU L 285 25.07 -80.21 -20.16
C GLU L 285 26.27 -79.29 -20.26
N SER L 286 26.38 -78.59 -21.38
CA SER L 286 27.51 -77.70 -21.59
C SER L 286 27.31 -76.33 -20.97
N TYR L 287 26.23 -76.17 -20.20
CA TYR L 287 25.96 -74.89 -19.54
C TYR L 287 26.32 -74.94 -18.06
N ILE L 288 26.32 -76.14 -17.50
CA ILE L 288 26.66 -76.31 -16.09
C ILE L 288 28.04 -75.73 -15.83
N GLY L 289 28.24 -75.19 -14.64
CA GLY L 289 29.54 -74.64 -14.33
C GLY L 289 29.69 -73.19 -14.73
N LYS L 290 28.86 -72.73 -15.66
CA LYS L 290 28.96 -71.34 -16.09
C LYS L 290 28.45 -70.36 -15.04
N MET L 291 28.93 -69.12 -15.10
CA MET L 291 28.53 -68.10 -14.16
C MET L 291 27.45 -67.22 -14.76
N VAL L 292 26.38 -66.97 -14.01
CA VAL L 292 25.30 -66.12 -14.50
C VAL L 292 24.97 -65.00 -13.54
N LYS L 293 24.64 -63.84 -14.10
CA LYS L 293 24.29 -62.68 -13.31
C LYS L 293 22.81 -62.75 -12.97
N PHE L 294 22.41 -62.08 -11.89
CA PHE L 294 21.02 -62.09 -11.48
C PHE L 294 20.82 -61.05 -10.40
N LYS L 295 19.60 -60.55 -10.26
CA LYS L 295 19.33 -59.56 -9.23
C LYS L 295 18.36 -60.17 -8.23
N TYR L 296 18.32 -59.60 -7.02
CA TYR L 296 17.43 -60.09 -5.98
C TYR L 296 17.24 -59.05 -4.88
N PHE L 297 16.22 -59.26 -4.06
CA PHE L 297 15.90 -58.36 -2.96
C PHE L 297 16.38 -59.01 -1.65
N GLU L 298 17.18 -58.30 -0.86
CA GLU L 298 17.68 -58.87 0.38
C GLU L 298 16.64 -59.02 1.47
N MET L 299 15.85 -57.97 1.68
CA MET L 299 14.81 -57.99 2.71
C MET L 299 13.75 -59.06 2.44
N GLY L 300 13.48 -59.88 3.45
CA GLY L 300 12.49 -60.93 3.31
C GLY L 300 13.11 -62.29 3.07
N SER L 301 14.38 -62.30 2.65
CA SER L 301 15.10 -63.53 2.38
C SER L 301 15.34 -64.32 3.67
N LYS L 302 14.83 -65.54 3.72
CA LYS L 302 14.98 -66.37 4.90
C LYS L 302 16.27 -67.16 4.81
N ASP L 303 16.35 -68.03 3.80
CA ASP L 303 17.54 -68.86 3.61
C ASP L 303 18.22 -68.64 2.26
N CYS L 304 17.52 -67.96 1.35
CA CYS L 304 18.04 -67.68 0.02
C CYS L 304 17.50 -66.36 -0.48
N PRO L 305 18.04 -65.85 -1.61
CA PRO L 305 17.57 -64.58 -2.18
C PRO L 305 16.08 -64.52 -2.43
N ARG L 306 15.51 -63.33 -2.30
CA ARG L 306 14.09 -63.13 -2.54
C ARG L 306 13.87 -62.52 -3.91
N PHE L 307 12.87 -63.05 -4.63
CA PHE L 307 12.56 -62.53 -5.95
C PHE L 307 13.78 -62.66 -6.87
N PRO L 308 14.44 -63.82 -6.87
CA PRO L 308 15.61 -63.96 -7.73
C PRO L 308 15.22 -63.80 -9.20
N VAL L 309 15.93 -62.93 -9.91
CA VAL L 309 15.67 -62.69 -11.32
C VAL L 309 16.94 -62.80 -12.14
N PHE L 310 16.90 -63.65 -13.16
CA PHE L 310 18.04 -63.86 -14.05
C PHE L 310 18.25 -62.62 -14.92
N ILE L 311 19.52 -62.28 -15.16
CA ILE L 311 19.84 -61.12 -15.98
C ILE L 311 20.63 -61.48 -17.23
N GLY L 312 21.69 -62.27 -17.06
CA GLY L 312 22.50 -62.65 -18.22
C GLY L 312 23.62 -63.60 -17.84
N ILE L 313 24.30 -64.15 -18.84
CA ILE L 313 25.39 -65.09 -18.61
C ILE L 313 26.70 -64.34 -18.52
N ARG L 314 27.75 -65.04 -18.06
CA ARG L 314 29.08 -64.44 -17.94
C ARG L 314 29.13 -63.26 -16.96
#